data_6BYO
#
_entry.id   6BYO
#
_cell.length_a   1
_cell.length_b   1
_cell.length_c   1
_cell.angle_alpha   90
_cell.angle_beta   90
_cell.angle_gamma   90
#
_symmetry.space_group_name_H-M   'P 1'
#
_entity_poly.entity_id   1
_entity_poly.type   'polypeptide(L)'
_entity_poly.pdbx_seq_one_letter_code
;FCLTLQNPLRKACISIVEWKPFETIILLTIFANCVALAVYLPMPEDDNNSLNLGLEKLEYFFLTVFSIEAAMKIIAYGFL
FHQDAYLRSGWNVLDFIIVFLGVFTAILEQVNVIQSNTAPMSSKGAGLDVKALRAFRVLRPLRLVSGVPSLQVVLNSIFK
AMLPLFHIALLVLFMVIIYAIIGLELFKGKMHKTCYYIGTDIVATVENEKPSPCARTGSGRPCTINGSECRGGWPGPNHG
ITHFDNFGFSMLTVYQCITMEGWTDVLYWVNDAIGNEWPWIYFVTLILLGSFFILNLVLGVLSGEFTKEREKAKSRGTFQ
KLREKQQLEEDLRGYMSWITQGEVMDVEDLREGKLSLEEGGSDTESLYEIEGLNKIIQFIRHWRQWNRVFRWKCHDLVKS
RVFYWLVILIVALNTLSIASEHHNQPLWLTHLQDIANRVLLSLFTIEMLLKMYGLGLRQYFMSIFNRFDCFVVCSGILEL
LLVESGAMTPLGISVLRCIRLLRLFKITKYWTSLSNLVASLLNSIRSIASLLLLLFLFIIIFALLGMQLFGGRYDFEDTE
VRRSNFDNFPQALISVFQVLTGEDWNSVMYNGIMAYGGPSYPGVLVCIYFIILFVCGNYILLNVFLAIAVDNLAEAESLT
SAQKAKAEERKRRKMSRGLPDKTEEEKSVMAKKLEQKPKGEGIPTTAKLKVDEFESNVNEVKDPYPSADFPGDDEEDEPE
IPVSPRPRPLAELQLKEKAVPIPEASSFFIFSPTNKVRVLCHRIVNATWFTNFILLFILLSSAALAAEDPIRAESVRNQI
LGYFDIAFTSVFTVEIVLKMTTYGAFLHKGSFCRNYFNILDLLVVAVSLISMGLESSTISVVKILRVLRVLRPLRAINRA
KGLKHVVQCVFVAIRTIGNIVLVTTLLQFMFACIGVQLFKGKFFSCNDLSKMTEEECRGYYYVYKDGDPTQMELRPRQWI
HNDFHFDNVLSAMMSLFTVSTFEGWPQLLYRAIDSNEEDMGPVYNNRVEMAIFFIIYIILIAFFMMNIFVGFVIVTFQEQ
GETEYKNCELDKNQRQCVQYALKARPLRCYIPKNPYQYQVWYVVTSSYFEYLMFALIMLNTICLGMQHYHQSEEMNHISD
ILNVAFTIIFTLEMILKLLAFKARGYFGDPWNVFDFLIVIGSIIDVILSEIDTFLASSGGLYCLGGGCGNVDPDESARIS
SAFFRLFRVMRLIKLLSRAEGVRTLLWTFIKSFQALPYVALLIVMLFFIYAVIGMQMFGKIALVDGTQINRNNNFQTFPQ
AVLLLFRCATGEAWQEILLACSYGKLCDPESDYAPGEEYTCGTNFAYYYFISFYMLCAFLIINLFVAVIMDNFDYLT
;
_entity_poly.pdbx_strand_id   A
#
# COMPACT_ATOMS: atom_id res chain seq x y z
N PHE A 1 39.61 -32.96 4.76
CA PHE A 1 39.56 -33.77 3.54
C PHE A 1 40.53 -33.29 2.47
N CYS A 2 41.70 -32.77 2.89
CA CYS A 2 42.66 -32.08 2.03
C CYS A 2 43.18 -32.94 0.89
N LEU A 3 43.77 -32.30 -0.13
CA LEU A 3 44.08 -32.97 -1.38
C LEU A 3 45.60 -33.01 -1.58
N THR A 4 46.22 -34.11 -1.12
CA THR A 4 47.59 -34.59 -1.33
C THR A 4 48.68 -33.79 -0.63
N LEU A 5 48.35 -32.61 -0.09
CA LEU A 5 49.22 -31.77 0.75
C LEU A 5 50.64 -31.56 0.24
N GLN A 6 50.80 -30.92 -0.91
CA GLN A 6 52.12 -30.86 -1.54
C GLN A 6 52.75 -29.48 -1.43
N ASN A 7 54.08 -29.40 -1.54
CA ASN A 7 54.73 -28.10 -1.62
C ASN A 7 55.67 -27.95 -2.81
N PRO A 8 55.15 -27.78 -4.07
CA PRO A 8 55.99 -27.27 -5.16
C PRO A 8 56.10 -25.76 -5.11
N LEU A 9 56.48 -25.14 -6.24
CA LEU A 9 56.27 -23.71 -6.47
C LEU A 9 54.81 -23.25 -6.37
N ARG A 10 53.84 -24.16 -6.28
CA ARG A 10 52.44 -23.81 -6.07
C ARG A 10 52.21 -23.09 -4.75
N LYS A 11 53.13 -23.25 -3.79
CA LYS A 11 53.01 -22.51 -2.53
C LYS A 11 53.22 -21.02 -2.73
N ALA A 12 53.92 -20.63 -3.80
CA ALA A 12 54.12 -19.22 -4.08
C ALA A 12 52.86 -18.60 -4.68
N CYS A 13 51.95 -19.44 -5.19
CA CYS A 13 50.67 -18.92 -5.66
C CYS A 13 49.86 -18.39 -4.51
N ILE A 14 49.97 -19.02 -3.34
CA ILE A 14 49.21 -18.63 -2.15
C ILE A 14 49.60 -17.24 -1.68
N SER A 15 50.86 -16.86 -1.93
CA SER A 15 51.30 -15.50 -1.67
C SER A 15 50.74 -14.52 -2.69
N ILE A 16 50.25 -15.01 -3.81
CA ILE A 16 49.71 -14.15 -4.86
C ILE A 16 48.19 -14.24 -4.94
N VAL A 17 47.63 -15.41 -4.58
CA VAL A 17 46.18 -15.59 -4.50
C VAL A 17 45.58 -14.63 -3.47
N GLU A 18 46.22 -14.46 -2.33
CA GLU A 18 45.62 -13.74 -1.21
C GLU A 18 46.35 -12.44 -0.88
N TRP A 19 46.98 -11.84 -1.89
CA TRP A 19 47.93 -10.73 -1.69
C TRP A 19 47.15 -9.62 -1.05
N LYS A 20 47.37 -8.36 -1.44
CA LYS A 20 46.30 -7.47 -0.99
C LYS A 20 45.16 -7.25 -2.01
N PRO A 21 45.43 -6.76 -3.24
CA PRO A 21 44.32 -6.22 -4.04
C PRO A 21 43.63 -7.25 -4.89
N PHE A 22 43.79 -8.53 -4.57
CA PHE A 22 43.13 -9.57 -5.34
C PHE A 22 41.61 -9.46 -5.25
N GLU A 23 41.12 -8.89 -4.14
CA GLU A 23 39.72 -8.49 -4.07
C GLU A 23 39.41 -7.42 -5.11
N THR A 24 40.32 -6.47 -5.30
CA THR A 24 40.02 -5.32 -6.15
C THR A 24 39.97 -5.71 -7.62
N ILE A 25 40.82 -6.65 -8.03
CA ILE A 25 40.81 -7.11 -9.42
C ILE A 25 39.55 -7.91 -9.69
N ILE A 26 39.08 -8.65 -8.68
CA ILE A 26 37.87 -9.41 -8.90
C ILE A 26 36.64 -8.53 -8.71
N LEU A 27 36.75 -7.45 -7.94
CA LEU A 27 35.65 -6.49 -7.86
C LEU A 27 35.47 -5.76 -9.18
N LEU A 28 36.57 -5.47 -9.87
CA LEU A 28 36.46 -4.73 -11.12
C LEU A 28 36.08 -5.62 -12.29
N THR A 29 36.08 -6.94 -12.10
CA THR A 29 35.71 -7.79 -13.23
C THR A 29 34.30 -8.34 -13.07
N ILE A 30 33.76 -8.38 -11.85
CA ILE A 30 32.36 -8.74 -11.70
C ILE A 30 31.48 -7.56 -12.03
N PHE A 31 31.97 -6.36 -11.73
CA PHE A 31 31.26 -5.14 -12.12
C PHE A 31 31.21 -4.99 -13.63
N ALA A 32 32.14 -5.61 -14.35
CA ALA A 32 32.04 -5.61 -15.80
C ALA A 32 30.92 -6.51 -16.29
N ASN A 33 30.69 -7.62 -15.59
CA ASN A 33 29.58 -8.51 -15.88
C ASN A 33 28.24 -7.79 -15.72
N CYS A 34 28.15 -6.91 -14.71
CA CYS A 34 26.92 -6.16 -14.50
C CYS A 34 26.64 -5.26 -15.70
N VAL A 35 27.68 -4.69 -16.29
CA VAL A 35 27.50 -3.88 -17.48
C VAL A 35 27.38 -4.78 -18.70
N ALA A 36 28.04 -5.94 -18.69
CA ALA A 36 27.94 -6.86 -19.82
C ALA A 36 26.55 -7.47 -19.91
N LEU A 37 25.86 -7.64 -18.80
CA LEU A 37 24.48 -8.09 -18.84
C LEU A 37 23.48 -6.96 -18.90
N ALA A 38 23.91 -5.71 -18.80
CA ALA A 38 22.97 -4.61 -18.90
C ALA A 38 22.80 -4.19 -20.35
N VAL A 39 23.81 -4.40 -21.19
CA VAL A 39 23.73 -3.94 -22.56
C VAL A 39 23.28 -5.10 -23.44
N TYR A 40 22.99 -6.24 -22.83
CA TYR A 40 22.43 -7.37 -23.55
C TYR A 40 21.02 -7.03 -23.98
N LEU A 41 20.82 -6.64 -25.22
CA LEU A 41 19.46 -6.30 -25.60
C LEU A 41 18.80 -7.58 -26.10
N PRO A 42 17.71 -8.02 -25.49
CA PRO A 42 17.09 -9.27 -25.90
C PRO A 42 16.28 -9.08 -27.18
N MET A 43 16.13 -10.16 -27.91
CA MET A 43 15.49 -10.15 -29.21
C MET A 43 14.50 -11.28 -29.34
N PRO A 44 13.34 -11.03 -29.97
CA PRO A 44 12.17 -11.91 -29.83
C PRO A 44 12.32 -13.35 -30.30
N GLU A 45 12.61 -13.57 -31.58
CA GLU A 45 12.68 -14.94 -32.08
C GLU A 45 14.06 -15.16 -32.68
N ASP A 46 15.02 -15.46 -31.80
CA ASP A 46 16.40 -15.81 -32.16
C ASP A 46 17.04 -14.75 -33.05
N ASP A 47 17.28 -13.55 -32.54
CA ASP A 47 17.88 -12.51 -33.34
C ASP A 47 19.05 -11.94 -32.54
N ASN A 48 20.07 -11.42 -33.23
CA ASN A 48 21.25 -10.88 -32.55
C ASN A 48 21.78 -9.69 -33.33
N ASN A 49 21.97 -8.56 -32.64
CA ASN A 49 22.26 -7.32 -33.34
C ASN A 49 23.64 -7.21 -33.97
N SER A 50 24.58 -6.62 -33.23
CA SER A 50 26.00 -6.79 -33.43
C SER A 50 26.67 -6.74 -32.07
N LEU A 51 26.21 -5.79 -31.27
CA LEU A 51 26.73 -5.61 -29.93
C LEU A 51 26.26 -6.72 -29.04
N ASN A 52 25.05 -7.20 -29.31
CA ASN A 52 24.56 -8.41 -28.65
C ASN A 52 25.37 -9.62 -29.09
N LEU A 53 25.91 -9.57 -30.31
CA LEU A 53 26.63 -10.70 -30.85
C LEU A 53 28.09 -10.69 -30.40
N GLY A 54 28.62 -9.50 -30.13
CA GLY A 54 29.96 -9.42 -29.56
C GLY A 54 29.98 -9.75 -28.09
N LEU A 55 28.90 -9.44 -27.37
CA LEU A 55 28.87 -9.74 -25.94
C LEU A 55 28.68 -11.20 -25.65
N GLU A 56 28.28 -12.00 -26.65
CA GLU A 56 28.25 -13.43 -26.42
C GLU A 56 29.65 -13.97 -26.32
N LYS A 57 30.57 -13.41 -27.11
CA LYS A 57 31.96 -13.87 -27.07
C LYS A 57 32.70 -13.30 -25.87
N LEU A 58 32.19 -12.22 -25.28
CA LEU A 58 32.86 -11.62 -24.14
C LEU A 58 32.66 -12.44 -22.88
N GLU A 59 31.66 -13.32 -22.89
CA GLU A 59 31.43 -14.21 -21.76
C GLU A 59 32.58 -15.19 -21.57
N TYR A 60 33.23 -15.56 -22.68
CA TYR A 60 34.32 -16.52 -22.61
C TYR A 60 35.55 -15.90 -21.95
N PHE A 61 35.65 -14.56 -22.01
CA PHE A 61 36.62 -13.87 -21.18
C PHE A 61 36.27 -14.02 -19.71
N PHE A 62 35.01 -13.77 -19.35
CA PHE A 62 34.62 -13.87 -17.95
C PHE A 62 34.39 -15.31 -17.55
N LEU A 63 34.43 -16.24 -18.50
CA LEU A 63 34.44 -17.64 -18.14
C LEU A 63 35.81 -18.05 -17.65
N THR A 64 36.86 -17.61 -18.35
CA THR A 64 38.19 -18.12 -18.01
C THR A 64 38.80 -17.35 -16.84
N VAL A 65 38.49 -16.06 -16.69
CA VAL A 65 39.08 -15.29 -15.60
C VAL A 65 38.47 -15.72 -14.27
N PHE A 66 37.18 -16.06 -14.27
CA PHE A 66 36.60 -16.66 -13.08
C PHE A 66 37.05 -18.11 -12.91
N SER A 67 37.64 -18.70 -13.95
CA SER A 67 38.21 -20.03 -13.80
C SER A 67 39.69 -19.97 -13.46
N ILE A 68 40.40 -18.99 -14.01
CA ILE A 68 41.78 -18.72 -13.60
C ILE A 68 41.83 -18.34 -12.14
N GLU A 69 40.86 -17.54 -11.68
CA GLU A 69 40.76 -17.22 -10.27
C GLU A 69 40.50 -18.46 -9.43
N ALA A 70 39.43 -19.19 -9.74
CA ALA A 70 38.93 -20.23 -8.85
C ALA A 70 39.85 -21.43 -8.77
N ALA A 71 40.57 -21.75 -9.85
CA ALA A 71 41.53 -22.85 -9.79
C ALA A 71 42.72 -22.49 -8.92
N MET A 72 43.10 -21.21 -8.92
CA MET A 72 44.09 -20.73 -7.98
C MET A 72 43.57 -20.73 -6.55
N LYS A 73 42.26 -20.61 -6.35
CA LYS A 73 41.71 -20.72 -5.01
C LYS A 73 41.75 -22.17 -4.53
N ILE A 74 41.74 -23.12 -5.48
CA ILE A 74 41.91 -24.53 -5.13
C ILE A 74 43.36 -24.83 -4.78
N ILE A 75 44.29 -24.32 -5.59
CA ILE A 75 45.73 -24.48 -5.33
C ILE A 75 46.11 -23.79 -4.03
N ALA A 76 45.40 -22.72 -3.67
CA ALA A 76 45.67 -22.00 -2.43
C ALA A 76 45.39 -22.86 -1.20
N TYR A 77 44.19 -23.43 -1.08
CA TYR A 77 43.99 -24.31 0.06
C TYR A 77 43.57 -25.73 -0.33
N ARG A 88 34.87 -23.46 2.93
CA ARG A 88 34.44 -23.20 4.30
C ARG A 88 33.52 -21.99 4.37
N SER A 89 33.89 -20.91 3.69
CA SER A 89 32.95 -19.80 3.51
C SER A 89 31.82 -20.23 2.62
N GLY A 90 30.59 -20.16 3.16
CA GLY A 90 29.41 -20.52 2.37
C GLY A 90 29.21 -19.57 1.21
N TRP A 91 29.71 -18.35 1.34
CA TRP A 91 29.62 -17.39 0.25
C TRP A 91 30.67 -17.67 -0.81
N ASN A 92 31.72 -18.42 -0.46
CA ASN A 92 32.59 -18.95 -1.49
C ASN A 92 32.04 -20.26 -2.05
N VAL A 93 31.18 -20.93 -1.30
CA VAL A 93 30.57 -22.18 -1.78
C VAL A 93 29.66 -21.93 -2.97
N LEU A 94 29.09 -20.72 -3.08
CA LEU A 94 28.36 -20.36 -4.29
C LEU A 94 29.31 -19.99 -5.42
N ASP A 95 30.54 -19.62 -5.08
CA ASP A 95 31.53 -19.17 -6.05
C ASP A 95 31.88 -20.22 -7.08
N PHE A 96 32.22 -21.43 -6.61
CA PHE A 96 32.43 -22.52 -7.55
C PHE A 96 31.12 -23.01 -8.14
N ILE A 97 29.99 -22.69 -7.49
CA ILE A 97 28.71 -23.16 -7.99
C ILE A 97 28.30 -22.39 -9.23
N ILE A 98 28.55 -21.08 -9.25
CA ILE A 98 28.29 -20.25 -10.42
C ILE A 98 29.13 -20.69 -11.62
N VAL A 99 30.39 -21.04 -11.36
CA VAL A 99 31.31 -21.40 -12.42
C VAL A 99 31.00 -22.79 -12.97
N PHE A 100 30.55 -23.70 -12.10
CA PHE A 100 30.36 -25.09 -12.52
C PHE A 100 29.12 -25.27 -13.40
N LEU A 101 28.25 -24.26 -13.50
CA LEU A 101 27.19 -24.33 -14.48
C LEU A 101 27.68 -23.88 -15.85
N GLY A 102 28.56 -22.89 -15.89
CA GLY A 102 28.93 -22.28 -17.16
C GLY A 102 29.92 -23.17 -17.90
N VAL A 103 30.67 -23.99 -17.18
CA VAL A 103 31.48 -25.01 -17.83
C VAL A 103 30.58 -26.06 -18.49
N PHE A 104 29.44 -26.36 -17.88
CA PHE A 104 28.44 -27.21 -18.51
C PHE A 104 27.82 -26.50 -19.71
N THR A 105 27.76 -25.17 -19.66
CA THR A 105 27.21 -24.41 -20.78
C THR A 105 28.13 -24.46 -21.99
N ALA A 106 29.44 -24.60 -21.78
CA ALA A 106 30.34 -24.76 -22.91
C ALA A 106 30.17 -26.13 -23.56
N ILE A 107 29.81 -27.14 -22.77
CA ILE A 107 29.57 -28.46 -23.31
C ILE A 107 28.32 -28.49 -24.16
N LEU A 108 27.27 -27.83 -23.69
CA LEU A 108 26.02 -27.76 -24.46
C LEU A 108 26.18 -26.78 -25.63
N VAL A 130 19.03 -25.13 -23.12
CA VAL A 130 19.69 -24.23 -24.06
C VAL A 130 19.58 -22.80 -23.56
N LYS A 131 18.35 -22.39 -23.23
CA LYS A 131 18.14 -21.12 -22.57
C LYS A 131 17.93 -21.26 -21.08
N ALA A 132 18.15 -22.46 -20.53
CA ALA A 132 18.06 -22.61 -19.08
C ALA A 132 19.32 -22.10 -18.40
N LEU A 133 20.48 -22.36 -18.99
CA LEU A 133 21.73 -21.85 -18.44
C LEU A 133 21.92 -20.37 -18.76
N ARG A 134 21.10 -19.86 -19.66
CA ARG A 134 21.14 -18.45 -20.02
C ARG A 134 20.73 -17.62 -18.80
N ALA A 135 19.85 -18.18 -17.97
CA ALA A 135 19.31 -17.44 -16.85
C ALA A 135 20.21 -17.54 -15.64
N PHE A 136 21.16 -18.49 -15.63
CA PHE A 136 22.01 -18.59 -14.45
C PHE A 136 23.14 -17.58 -14.45
N ARG A 137 23.43 -16.94 -15.59
CA ARG A 137 24.43 -15.89 -15.57
C ARG A 137 23.93 -14.63 -14.88
N VAL A 138 22.61 -14.53 -14.68
CA VAL A 138 22.03 -13.47 -13.87
C VAL A 138 22.50 -13.55 -12.43
N LEU A 139 22.77 -14.75 -11.92
CA LEU A 139 23.19 -14.96 -10.55
C LEU A 139 24.57 -14.37 -10.24
N ARG A 140 25.40 -14.02 -11.22
CA ARG A 140 26.82 -13.60 -10.95
C ARG A 140 27.12 -12.35 -10.05
N PRO A 141 26.14 -11.33 -10.24
CA PRO A 141 26.38 -10.26 -9.26
C PRO A 141 26.14 -10.66 -7.81
N LEU A 142 25.55 -11.81 -7.52
CA LEU A 142 25.55 -12.21 -6.12
C LEU A 142 26.96 -12.47 -5.62
N ARG A 143 27.90 -12.67 -6.54
CA ARG A 143 29.31 -12.82 -6.17
C ARG A 143 29.83 -11.46 -5.71
N LEU A 144 29.25 -10.40 -6.25
CA LEU A 144 29.60 -9.04 -5.86
C LEU A 144 29.25 -8.74 -4.42
N VAL A 145 28.22 -9.40 -3.88
CA VAL A 145 27.99 -9.39 -2.46
C VAL A 145 29.14 -10.03 -1.69
N SER A 146 29.53 -11.25 -2.07
CA SER A 146 30.49 -12.02 -1.30
C SER A 146 31.88 -11.42 -1.33
N GLY A 147 32.19 -10.66 -2.38
CA GLY A 147 33.46 -9.98 -2.44
C GLY A 147 33.52 -8.86 -1.43
N VAL A 148 32.65 -7.87 -1.59
CA VAL A 148 32.67 -6.65 -0.80
C VAL A 148 32.15 -6.92 0.61
N PRO A 149 32.93 -6.69 1.66
CA PRO A 149 32.39 -6.84 3.01
C PRO A 149 31.51 -5.66 3.38
N SER A 150 30.90 -5.73 4.56
CA SER A 150 29.86 -4.83 5.11
C SER A 150 28.50 -5.27 4.57
N LEU A 151 28.48 -5.85 3.38
CA LEU A 151 27.22 -6.45 2.99
C LEU A 151 27.17 -7.88 3.49
N GLN A 152 28.28 -8.37 4.04
CA GLN A 152 28.24 -9.59 4.84
C GLN A 152 27.61 -9.30 6.20
N VAL A 153 27.57 -8.03 6.58
CA VAL A 153 26.88 -7.64 7.80
C VAL A 153 25.38 -7.66 7.56
N VAL A 154 24.97 -7.23 6.36
CA VAL A 154 23.55 -7.02 6.08
C VAL A 154 22.83 -8.33 5.91
N LEU A 155 23.35 -9.22 5.05
CA LEU A 155 22.69 -10.49 4.81
C LEU A 155 22.72 -11.40 6.04
N ASN A 156 23.72 -11.24 6.90
CA ASN A 156 23.69 -11.97 8.15
C ASN A 156 22.63 -11.40 9.09
N SER A 157 22.39 -10.10 9.01
CA SER A 157 21.43 -9.49 9.92
C SER A 157 20.01 -9.70 9.45
N ILE A 158 19.85 -9.98 8.16
CA ILE A 158 18.52 -10.00 7.57
C ILE A 158 17.86 -11.35 7.80
N PHE A 159 18.65 -12.40 8.04
CA PHE A 159 18.05 -13.70 8.32
C PHE A 159 17.75 -13.83 9.80
N LYS A 160 18.35 -12.96 10.62
CA LYS A 160 18.10 -13.03 12.06
C LYS A 160 16.79 -12.36 12.44
N ALA A 161 16.16 -11.66 11.51
CA ALA A 161 14.83 -11.13 11.76
C ALA A 161 13.77 -12.17 11.46
N MET A 162 14.16 -13.28 10.84
CA MET A 162 13.17 -14.18 10.27
C MET A 162 12.74 -15.22 11.28
N LEU A 163 13.42 -15.31 12.41
CA LEU A 163 13.02 -16.24 13.46
C LEU A 163 11.74 -15.85 14.21
N PRO A 164 11.53 -14.61 14.69
CA PRO A 164 10.27 -14.37 15.39
C PRO A 164 9.08 -14.19 14.46
N LEU A 165 9.33 -14.01 13.17
CA LEU A 165 8.24 -13.81 12.21
C LEU A 165 7.61 -15.12 11.77
N PHE A 166 8.14 -16.26 12.22
CA PHE A 166 7.78 -17.54 11.61
C PHE A 166 6.34 -17.94 11.91
N HIS A 167 5.83 -17.59 13.10
CA HIS A 167 4.45 -17.98 13.39
C HIS A 167 3.46 -17.07 12.69
N ILE A 168 3.83 -15.82 12.46
CA ILE A 168 2.97 -14.90 11.72
C ILE A 168 2.87 -15.33 10.27
N ALA A 169 3.99 -15.75 9.69
CA ALA A 169 3.99 -16.11 8.28
C ALA A 169 3.32 -17.46 8.07
N LEU A 170 3.29 -18.30 9.11
CA LEU A 170 2.70 -19.62 8.93
C LEU A 170 1.20 -19.55 9.12
N LEU A 171 0.69 -18.49 9.75
CA LEU A 171 -0.75 -18.34 9.85
C LEU A 171 -1.30 -17.71 8.58
N VAL A 172 -0.51 -16.88 7.91
CA VAL A 172 -0.94 -16.37 6.63
C VAL A 172 -0.90 -17.48 5.59
N LEU A 173 -0.02 -18.44 5.80
CA LEU A 173 -0.01 -19.62 4.97
C LEU A 173 -1.23 -20.51 5.26
N PHE A 174 -1.78 -20.45 6.47
CA PHE A 174 -3.02 -21.16 6.71
C PHE A 174 -4.22 -20.31 6.36
N MET A 175 -4.00 -19.00 6.28
CA MET A 175 -5.05 -18.06 5.90
C MET A 175 -5.41 -18.20 4.43
N VAL A 176 -4.41 -18.48 3.60
CA VAL A 176 -4.62 -18.65 2.17
C VAL A 176 -5.25 -20.00 1.88
N ILE A 177 -4.82 -21.06 2.58
CA ILE A 177 -5.28 -22.41 2.27
C ILE A 177 -6.74 -22.58 2.66
N ILE A 178 -7.18 -21.90 3.72
CA ILE A 178 -8.61 -21.93 4.03
C ILE A 178 -9.39 -21.21 2.95
N TYR A 179 -8.97 -20.01 2.58
CA TYR A 179 -9.71 -19.28 1.56
C TYR A 179 -9.41 -19.74 0.15
N ALA A 180 -8.54 -20.72 -0.04
CA ALA A 180 -8.41 -21.28 -1.37
C ALA A 180 -9.39 -22.43 -1.56
N ILE A 181 -9.64 -23.19 -0.50
CA ILE A 181 -10.53 -24.33 -0.57
C ILE A 181 -11.98 -23.87 -0.56
N ILE A 182 -12.29 -22.84 0.24
CA ILE A 182 -13.63 -22.24 0.24
C ILE A 182 -13.98 -21.54 -1.06
N GLY A 183 -13.01 -20.86 -1.67
CA GLY A 183 -13.25 -20.31 -2.99
C GLY A 183 -13.18 -21.34 -4.09
N LEU A 184 -12.55 -22.47 -3.84
CA LEU A 184 -12.63 -23.55 -4.82
C LEU A 184 -13.95 -24.29 -4.91
N GLU A 185 -14.55 -24.62 -3.78
CA GLU A 185 -15.82 -25.32 -3.75
C GLU A 185 -17.03 -24.44 -3.98
N LEU A 186 -16.94 -23.16 -3.69
CA LEU A 186 -18.07 -22.27 -3.92
C LEU A 186 -18.15 -21.74 -5.34
N PHE A 187 -17.03 -21.71 -6.07
CA PHE A 187 -17.01 -21.05 -7.36
C PHE A 187 -16.45 -21.88 -8.50
N LYS A 188 -16.37 -23.21 -8.38
CA LYS A 188 -15.88 -24.04 -9.47
C LYS A 188 -16.75 -23.89 -10.71
N GLY A 189 -16.14 -23.47 -11.80
CA GLY A 189 -16.82 -23.45 -13.07
C GLY A 189 -17.81 -22.34 -13.32
N LYS A 190 -17.92 -21.41 -12.38
CA LYS A 190 -18.98 -20.40 -12.41
C LYS A 190 -18.71 -19.26 -13.40
N MET A 191 -17.45 -19.11 -13.83
CA MET A 191 -17.07 -17.98 -14.68
C MET A 191 -17.21 -18.25 -16.16
N HIS A 192 -17.50 -19.48 -16.58
CA HIS A 192 -17.27 -19.85 -17.96
C HIS A 192 -18.31 -19.38 -18.94
N LYS A 193 -19.30 -18.62 -18.48
CA LYS A 193 -20.35 -18.11 -19.36
C LYS A 193 -19.81 -16.93 -20.14
N THR A 194 -20.41 -16.63 -21.30
CA THR A 194 -19.89 -15.54 -22.10
C THR A 194 -21.04 -14.59 -22.42
N CYS A 195 -20.75 -13.48 -23.09
CA CYS A 195 -21.72 -12.65 -23.81
C CYS A 195 -21.32 -12.50 -25.26
N TYR A 196 -21.11 -13.61 -25.97
CA TYR A 196 -20.73 -13.51 -27.38
C TYR A 196 -21.83 -12.87 -28.21
N TYR A 197 -21.45 -12.41 -29.40
CA TYR A 197 -22.41 -11.97 -30.40
C TYR A 197 -23.20 -13.16 -30.94
N ILE A 198 -24.12 -12.87 -31.86
CA ILE A 198 -25.39 -13.59 -32.08
C ILE A 198 -25.21 -15.09 -32.26
N GLY A 199 -24.51 -15.50 -33.32
CA GLY A 199 -23.70 -16.69 -33.21
C GLY A 199 -22.40 -16.42 -33.90
N THR A 200 -21.33 -16.24 -33.14
CA THR A 200 -20.01 -15.84 -33.62
C THR A 200 -18.98 -16.38 -32.65
N ASP A 201 -17.79 -15.79 -32.65
CA ASP A 201 -16.79 -16.10 -31.65
C ASP A 201 -16.32 -14.83 -30.93
N ILE A 202 -16.86 -13.67 -31.27
CA ILE A 202 -16.41 -12.43 -30.65
C ILE A 202 -17.11 -12.21 -29.32
N VAL A 203 -16.31 -11.87 -28.30
CA VAL A 203 -16.84 -11.49 -26.99
C VAL A 203 -17.25 -10.03 -27.07
N ALA A 204 -18.43 -9.70 -26.57
CA ALA A 204 -18.97 -8.36 -26.74
C ALA A 204 -18.67 -7.46 -25.56
N THR A 205 -17.95 -6.37 -25.82
CA THR A 205 -17.58 -5.41 -24.78
C THR A 205 -18.05 -4.03 -25.20
N VAL A 206 -17.88 -3.05 -24.32
CA VAL A 206 -18.13 -1.66 -24.66
C VAL A 206 -16.89 -0.87 -24.25
N GLU A 207 -15.91 -0.78 -25.14
CA GLU A 207 -15.00 0.36 -25.28
C GLU A 207 -14.04 0.63 -24.13
N ASN A 208 -14.35 0.16 -22.93
CA ASN A 208 -13.41 -0.05 -21.85
C ASN A 208 -13.75 -1.28 -21.03
N GLU A 209 -14.89 -1.91 -21.32
CA GLU A 209 -15.45 -2.91 -20.42
C GLU A 209 -14.65 -4.19 -20.55
N LYS A 210 -14.11 -4.63 -19.43
CA LYS A 210 -13.41 -5.88 -19.33
C LYS A 210 -14.31 -7.04 -19.70
N PRO A 211 -13.82 -8.03 -20.27
CA PRO A 211 -14.67 -9.14 -20.72
C PRO A 211 -15.18 -10.00 -19.57
N SER A 212 -16.30 -9.58 -19.01
CA SER A 212 -16.80 -10.13 -17.75
C SER A 212 -17.95 -11.10 -17.99
N PRO A 213 -18.07 -12.13 -17.15
CA PRO A 213 -18.95 -13.25 -17.45
C PRO A 213 -20.42 -12.93 -17.35
N CYS A 214 -21.24 -13.94 -17.65
CA CYS A 214 -22.69 -13.83 -17.71
C CYS A 214 -23.32 -15.00 -16.99
N ALA A 215 -24.65 -15.04 -17.04
CA ALA A 215 -25.44 -16.18 -16.58
C ALA A 215 -26.80 -16.09 -17.25
N ARG A 216 -27.23 -17.15 -17.92
CA ARG A 216 -28.54 -17.17 -18.55
C ARG A 216 -29.65 -17.22 -17.52
N THR A 217 -29.37 -17.86 -16.38
CA THR A 217 -30.29 -18.02 -15.26
C THR A 217 -30.20 -16.73 -14.44
N GLY A 218 -30.82 -16.67 -13.28
CA GLY A 218 -31.03 -15.40 -12.61
C GLY A 218 -29.78 -14.80 -11.96
N SER A 219 -29.98 -13.57 -11.47
CA SER A 219 -29.15 -12.81 -10.54
C SER A 219 -27.88 -12.20 -11.12
N GLY A 220 -27.49 -12.55 -12.35
CA GLY A 220 -26.27 -12.00 -12.89
C GLY A 220 -26.35 -11.72 -14.38
N ARG A 221 -26.13 -10.46 -14.73
CA ARG A 221 -26.00 -9.92 -16.09
C ARG A 221 -27.02 -10.34 -17.13
N PRO A 222 -28.13 -9.60 -17.24
CA PRO A 222 -29.02 -9.72 -18.41
C PRO A 222 -28.37 -9.65 -19.79
N CYS A 223 -27.14 -9.13 -19.91
CA CYS A 223 -26.37 -9.03 -21.15
C CYS A 223 -27.14 -8.21 -22.18
N THR A 224 -27.28 -6.92 -21.90
CA THR A 224 -28.11 -6.03 -22.70
C THR A 224 -27.30 -5.28 -23.74
N ILE A 225 -26.33 -5.95 -24.36
CA ILE A 225 -25.43 -5.29 -25.29
C ILE A 225 -25.94 -5.56 -26.70
N ASN A 226 -27.24 -5.87 -26.79
CA ASN A 226 -28.06 -5.61 -27.97
C ASN A 226 -27.65 -6.38 -29.23
N GLY A 227 -27.97 -7.66 -29.28
CA GLY A 227 -27.55 -8.53 -30.36
C GLY A 227 -26.45 -9.45 -29.92
N SER A 228 -26.69 -10.11 -28.80
CA SER A 228 -25.71 -10.98 -28.16
C SER A 228 -26.42 -11.94 -27.24
N GLU A 229 -25.95 -13.16 -27.11
CA GLU A 229 -26.64 -14.11 -26.25
C GLU A 229 -25.62 -14.94 -25.50
N CYS A 230 -25.86 -15.13 -24.22
CA CYS A 230 -24.88 -15.80 -23.35
C CYS A 230 -24.80 -17.28 -23.65
N ARG A 231 -23.60 -17.74 -24.01
CA ARG A 231 -23.38 -19.13 -24.36
C ARG A 231 -22.11 -19.66 -23.71
N GLY A 232 -22.06 -20.95 -23.47
CA GLY A 232 -20.96 -21.54 -22.75
C GLY A 232 -19.67 -21.45 -23.53
N GLY A 233 -18.60 -21.87 -22.89
CA GLY A 233 -17.31 -21.70 -23.53
C GLY A 233 -16.45 -20.83 -22.65
N TRP A 234 -15.99 -19.69 -23.17
CA TRP A 234 -14.99 -19.01 -22.39
C TRP A 234 -14.86 -17.51 -22.65
N PRO A 235 -15.42 -16.68 -21.75
CA PRO A 235 -15.30 -15.22 -21.86
C PRO A 235 -14.16 -14.66 -21.08
N GLY A 236 -13.37 -15.55 -20.51
CA GLY A 236 -13.14 -15.52 -19.09
C GLY A 236 -12.38 -14.38 -18.48
N PRO A 237 -12.23 -14.44 -17.17
CA PRO A 237 -11.31 -13.56 -16.47
C PRO A 237 -9.88 -13.65 -17.02
N ASN A 238 -9.03 -12.75 -16.55
CA ASN A 238 -8.18 -11.89 -17.37
C ASN A 238 -7.80 -12.41 -18.73
N HIS A 239 -7.19 -13.57 -18.81
CA HIS A 239 -7.19 -14.28 -20.08
C HIS A 239 -7.38 -15.77 -19.88
N GLY A 240 -7.73 -16.20 -18.69
CA GLY A 240 -7.60 -17.60 -18.36
C GLY A 240 -6.96 -17.77 -17.01
N ILE A 241 -6.60 -16.68 -16.36
CA ILE A 241 -5.66 -16.75 -15.26
C ILE A 241 -6.38 -16.47 -13.94
N THR A 242 -7.61 -16.00 -13.98
CA THR A 242 -8.26 -15.59 -12.75
C THR A 242 -9.49 -16.46 -12.49
N HIS A 243 -9.33 -17.77 -12.56
CA HIS A 243 -10.39 -18.74 -12.37
C HIS A 243 -10.67 -18.96 -10.90
N PHE A 244 -11.45 -20.00 -10.63
CA PHE A 244 -11.52 -20.60 -9.32
C PHE A 244 -11.53 -22.11 -9.33
N ASP A 245 -11.08 -22.74 -10.41
CA ASP A 245 -11.01 -24.19 -10.45
C ASP A 245 -9.57 -24.62 -10.39
N ASN A 246 -9.30 -25.86 -10.00
CA ASN A 246 -7.92 -26.28 -9.97
C ASN A 246 -7.20 -25.59 -8.83
N PHE A 247 -6.92 -26.32 -7.76
CA PHE A 247 -6.33 -25.71 -6.57
C PHE A 247 -5.29 -24.62 -6.80
N GLY A 248 -4.42 -24.77 -7.80
CA GLY A 248 -3.42 -23.76 -8.04
C GLY A 248 -3.92 -22.42 -8.52
N PHE A 249 -5.04 -22.34 -9.23
CA PHE A 249 -5.57 -21.04 -9.61
C PHE A 249 -6.33 -20.40 -8.47
N SER A 250 -6.94 -21.20 -7.62
CA SER A 250 -7.72 -20.62 -6.55
C SER A 250 -6.69 -19.99 -5.66
N MET A 251 -5.58 -20.67 -5.43
CA MET A 251 -4.61 -20.17 -4.48
C MET A 251 -3.86 -18.98 -5.07
N LEU A 252 -3.86 -18.85 -6.39
CA LEU A 252 -3.23 -17.70 -7.00
C LEU A 252 -4.13 -16.47 -6.90
N THR A 253 -5.44 -16.66 -7.01
CA THR A 253 -6.34 -15.51 -7.03
C THR A 253 -6.94 -15.23 -5.67
N VAL A 254 -6.51 -15.94 -4.62
CA VAL A 254 -6.73 -15.41 -3.30
C VAL A 254 -5.43 -14.87 -2.77
N TYR A 255 -4.35 -15.07 -3.51
CA TYR A 255 -3.12 -14.38 -3.16
C TYR A 255 -3.21 -12.94 -3.55
N GLN A 256 -3.50 -12.70 -4.83
CA GLN A 256 -3.58 -11.34 -5.36
C GLN A 256 -4.59 -10.52 -4.58
N CYS A 257 -5.69 -11.16 -4.19
CA CYS A 257 -6.70 -10.49 -3.40
C CYS A 257 -6.17 -10.10 -2.05
N ILE A 258 -5.28 -10.90 -1.46
CA ILE A 258 -4.72 -10.57 -0.15
C ILE A 258 -3.83 -9.34 -0.21
N THR A 259 -3.19 -9.09 -1.33
CA THR A 259 -2.32 -7.92 -1.40
C THR A 259 -3.08 -6.63 -1.72
N MET A 260 -4.40 -6.65 -1.57
CA MET A 260 -5.35 -5.57 -1.84
C MET A 260 -5.23 -4.97 -3.23
N GLU A 261 -4.63 -5.70 -4.16
CA GLU A 261 -4.41 -5.16 -5.50
C GLU A 261 -5.20 -5.97 -6.51
N GLY A 262 -6.20 -5.36 -7.13
CA GLY A 262 -7.03 -6.12 -8.01
C GLY A 262 -7.97 -7.05 -7.30
N TRP A 263 -8.29 -6.80 -6.03
CA TRP A 263 -9.26 -7.65 -5.37
C TRP A 263 -10.66 -7.31 -5.78
N THR A 264 -10.85 -6.21 -6.50
CA THR A 264 -12.19 -5.84 -6.84
C THR A 264 -12.58 -6.37 -8.20
N ASP A 265 -11.63 -6.85 -8.99
CA ASP A 265 -12.09 -7.48 -10.20
C ASP A 265 -12.52 -8.90 -9.92
N VAL A 266 -11.84 -9.58 -9.01
CA VAL A 266 -12.22 -10.93 -8.64
C VAL A 266 -13.50 -10.90 -7.84
N LEU A 267 -13.77 -9.80 -7.16
CA LEU A 267 -15.09 -9.62 -6.58
C LEU A 267 -16.11 -9.39 -7.67
N TYR A 268 -15.88 -8.43 -8.54
CA TYR A 268 -16.92 -8.07 -9.49
C TYR A 268 -17.08 -9.06 -10.62
N TRP A 269 -16.25 -10.09 -10.69
CA TRP A 269 -16.48 -11.14 -11.67
C TRP A 269 -17.37 -12.21 -11.10
N VAL A 270 -17.14 -12.62 -9.86
CA VAL A 270 -18.04 -13.53 -9.16
C VAL A 270 -19.41 -12.90 -9.03
N ASN A 271 -19.46 -11.68 -8.51
CA ASN A 271 -20.66 -10.85 -8.39
C ASN A 271 -21.36 -10.60 -9.72
N ASP A 272 -20.80 -11.08 -10.81
CA ASP A 272 -21.36 -10.90 -12.12
C ASP A 272 -21.84 -12.19 -12.70
N ALA A 273 -21.45 -13.31 -12.08
CA ALA A 273 -21.69 -14.65 -12.56
C ALA A 273 -22.67 -15.40 -11.67
N ILE A 274 -22.40 -15.50 -10.38
CA ILE A 274 -23.39 -15.95 -9.41
C ILE A 274 -24.52 -14.95 -9.33
N GLY A 275 -24.17 -13.75 -8.91
CA GLY A 275 -25.13 -12.76 -8.49
C GLY A 275 -24.58 -12.18 -7.22
N ASN A 276 -24.90 -10.94 -6.89
CA ASN A 276 -24.35 -10.35 -5.69
C ASN A 276 -25.05 -10.83 -4.44
N GLU A 277 -24.79 -10.12 -3.35
CA GLU A 277 -25.41 -10.17 -2.02
C GLU A 277 -24.98 -11.40 -1.20
N TRP A 278 -24.49 -12.45 -1.80
CA TRP A 278 -23.68 -13.40 -1.06
C TRP A 278 -22.16 -13.28 -1.17
N PRO A 279 -21.54 -13.09 -2.33
CA PRO A 279 -20.08 -13.22 -2.36
C PRO A 279 -19.33 -12.00 -1.89
N TRP A 280 -20.01 -10.94 -1.43
CA TRP A 280 -19.27 -9.86 -0.80
C TRP A 280 -18.68 -10.31 0.52
N ILE A 281 -19.33 -11.23 1.21
CA ILE A 281 -18.90 -11.63 2.55
C ILE A 281 -17.66 -12.51 2.46
N TYR A 282 -17.35 -13.01 1.28
CA TYR A 282 -16.13 -13.78 1.11
C TYR A 282 -14.93 -12.87 1.02
N PHE A 283 -15.01 -11.81 0.21
CA PHE A 283 -13.82 -11.00 -0.03
C PHE A 283 -13.62 -9.97 1.06
N VAL A 284 -14.69 -9.39 1.63
CA VAL A 284 -14.46 -8.40 2.70
C VAL A 284 -14.18 -9.09 4.03
N THR A 285 -14.11 -10.40 4.09
CA THR A 285 -13.48 -11.01 5.26
C THR A 285 -12.11 -11.53 4.90
N LEU A 286 -11.78 -11.59 3.62
CA LEU A 286 -10.41 -11.91 3.23
C LEU A 286 -9.53 -10.67 3.31
N ILE A 287 -10.11 -9.50 3.07
CA ILE A 287 -9.37 -8.26 3.21
C ILE A 287 -9.18 -7.93 4.67
N LEU A 288 -10.25 -8.03 5.46
CA LEU A 288 -10.18 -7.69 6.88
C LEU A 288 -9.39 -8.69 7.70
N LEU A 289 -9.16 -9.89 7.18
CA LEU A 289 -8.21 -10.75 7.87
C LEU A 289 -6.84 -10.70 7.22
N GLY A 290 -6.79 -10.41 5.92
CA GLY A 290 -5.51 -10.21 5.28
C GLY A 290 -4.83 -8.94 5.73
N SER A 291 -5.62 -7.92 6.06
CA SER A 291 -5.08 -6.69 6.64
C SER A 291 -4.56 -6.95 8.04
N PHE A 292 -5.38 -7.59 8.88
CA PHE A 292 -5.08 -7.78 10.29
C PHE A 292 -3.89 -8.68 10.53
N PHE A 293 -3.62 -9.64 9.68
CA PHE A 293 -2.44 -10.48 9.89
C PHE A 293 -1.26 -10.10 9.02
N ILE A 294 -1.31 -8.97 8.32
CA ILE A 294 -0.04 -8.36 7.94
C ILE A 294 0.20 -7.15 8.81
N LEU A 295 -0.86 -6.60 9.40
CA LEU A 295 -0.71 -5.49 10.34
C LEU A 295 0.01 -5.94 11.58
N ASN A 296 -0.08 -7.22 11.89
CA ASN A 296 0.71 -7.74 12.99
C ASN A 296 1.85 -8.60 12.50
N LEU A 297 2.29 -8.37 11.26
CA LEU A 297 3.58 -8.89 10.82
C LEU A 297 4.62 -7.78 10.90
N VAL A 298 4.22 -6.56 10.53
CA VAL A 298 5.02 -5.36 10.69
C VAL A 298 5.34 -5.12 12.15
N LEU A 299 4.41 -5.44 13.05
CA LEU A 299 4.74 -5.32 14.46
C LEU A 299 5.46 -6.55 14.97
N GLY A 300 5.63 -7.55 14.12
CA GLY A 300 6.34 -8.74 14.54
C GLY A 300 7.84 -8.53 14.54
N VAL A 301 8.34 -7.95 13.46
CA VAL A 301 9.78 -7.73 13.31
C VAL A 301 10.29 -6.71 14.29
N LEU A 302 9.42 -5.79 14.69
CA LEU A 302 9.81 -4.71 15.57
C LEU A 302 9.78 -5.15 17.03
N SER A 303 9.58 -6.45 17.26
CA SER A 303 9.66 -7.00 18.61
C SER A 303 11.05 -7.46 18.93
N GLY A 304 11.66 -8.22 18.01
CA GLY A 304 12.87 -8.94 18.28
C GLY A 304 14.10 -8.09 18.46
N GLU A 305 14.14 -6.95 17.77
CA GLU A 305 15.33 -6.11 17.84
C GLU A 305 15.20 -4.99 18.87
N PHE A 306 13.99 -4.70 19.32
CA PHE A 306 13.86 -3.67 20.34
C PHE A 306 14.29 -4.15 21.70
N THR A 307 14.04 -5.42 22.01
CA THR A 307 14.38 -5.92 23.34
C THR A 307 15.89 -6.02 23.52
N LYS A 308 16.62 -6.16 22.41
CA LYS A 308 18.06 -6.00 22.45
C LYS A 308 18.44 -4.58 22.82
N GLU A 309 17.65 -3.60 22.38
CA GLU A 309 18.04 -2.20 22.53
C GLU A 309 17.61 -1.63 23.87
N ARG A 310 16.71 -2.32 24.58
CA ARG A 310 16.36 -1.87 25.92
C ARG A 310 17.50 -2.16 26.90
N GLU A 311 18.38 -3.10 26.56
CA GLU A 311 19.55 -3.47 27.36
C GLU A 311 20.72 -2.54 27.18
N LYS A 312 20.68 -1.60 26.25
CA LYS A 312 21.71 -0.57 26.19
C LYS A 312 21.22 0.79 26.64
N ALA A 313 19.98 0.90 27.12
CA ALA A 313 19.43 2.16 27.63
C ALA A 313 19.95 2.53 29.01
N LYS A 314 20.79 1.69 29.61
CA LYS A 314 21.22 1.86 30.99
C LYS A 314 22.53 2.62 31.05
N SER A 315 22.92 3.22 29.94
CA SER A 315 24.11 4.06 29.84
C SER A 315 23.73 5.52 29.96
N ARG A 316 22.77 5.82 30.85
CA ARG A 316 22.28 7.16 31.11
C ARG A 316 23.36 8.10 31.62
N GLY A 317 24.37 7.59 32.31
CA GLY A 317 25.49 8.42 32.72
C GLY A 317 26.47 8.76 31.60
N THR A 318 26.29 8.16 30.42
CA THR A 318 27.15 8.48 29.28
C THR A 318 26.59 9.58 28.41
N PHE A 319 25.27 9.76 28.37
CA PHE A 319 24.69 10.94 27.72
C PHE A 319 24.93 12.19 28.56
N GLN A 320 25.04 11.99 29.88
CA GLN A 320 25.44 13.08 30.77
C GLN A 320 26.84 13.57 30.45
N LYS A 321 27.73 12.67 30.01
CA LYS A 321 29.04 13.10 29.55
C LYS A 321 28.95 13.69 28.14
N LEU A 322 27.98 13.25 27.35
CA LEU A 322 27.88 13.69 25.96
C LEU A 322 27.38 15.12 25.87
N ARG A 323 26.31 15.43 26.61
CA ARG A 323 25.72 16.77 26.53
C ARG A 323 26.59 17.83 27.19
N GLU A 324 27.54 17.41 28.04
CA GLU A 324 28.57 18.32 28.51
C GLU A 324 29.56 18.67 27.40
N LYS A 325 29.95 17.65 26.61
CA LYS A 325 30.93 17.86 25.55
C LYS A 325 30.38 18.75 24.44
N GLN A 326 29.10 18.57 24.09
CA GLN A 326 28.50 19.42 23.08
C GLN A 326 28.17 20.79 23.65
N GLN A 327 28.11 20.91 24.98
CA GLN A 327 28.14 22.23 25.60
C GLN A 327 29.54 22.82 25.52
N LEU A 328 30.57 21.98 25.60
CA LEU A 328 31.94 22.48 25.44
C LEU A 328 32.24 22.86 24.00
N GLU A 329 31.65 22.16 23.03
CA GLU A 329 31.81 22.56 21.64
C GLU A 329 30.99 23.81 21.34
N GLU A 330 29.95 24.05 22.12
CA GLU A 330 29.12 25.22 21.91
C GLU A 330 29.84 26.49 22.33
N ASP A 331 30.51 26.45 23.48
CA ASP A 331 31.19 27.65 23.99
C ASP A 331 32.45 27.95 23.18
N LEU A 332 33.16 26.90 22.76
CA LEU A 332 34.50 27.07 22.22
C LEU A 332 34.47 27.70 20.83
N ARG A 333 33.43 27.40 20.05
CA ARG A 333 33.24 28.12 18.80
C ARG A 333 32.76 29.54 19.05
N GLY A 334 31.98 29.73 20.12
CA GLY A 334 31.38 31.04 20.36
C GLY A 334 32.38 32.06 20.88
N TYR A 335 33.22 31.62 21.81
CA TYR A 335 34.26 32.47 22.36
C TYR A 335 35.34 32.76 21.32
N MET A 336 35.52 31.87 20.36
CA MET A 336 36.52 32.07 19.33
C MET A 336 36.04 33.11 18.31
N SER A 337 34.72 33.19 18.12
CA SER A 337 34.17 34.30 17.34
C SER A 337 34.24 35.60 18.13
N TRP A 338 34.25 35.47 19.45
CA TRP A 338 34.51 36.60 20.33
C TRP A 338 35.94 37.06 20.09
N ILE A 339 36.85 36.12 19.88
CA ILE A 339 38.23 36.45 19.52
C ILE A 339 38.29 37.01 18.10
N THR A 340 37.53 36.41 17.17
CA THR A 340 37.67 36.72 15.75
C THR A 340 37.21 38.13 15.42
N GLN A 341 36.07 38.56 15.98
CA GLN A 341 35.52 39.86 15.65
C GLN A 341 36.09 40.96 16.53
N GLY A 342 37.17 40.67 17.27
CA GLY A 342 37.94 41.72 17.90
C GLY A 342 39.21 42.05 17.15
N GLU A 343 39.60 41.20 16.19
CA GLU A 343 40.89 41.38 15.53
C GLU A 343 40.79 42.30 14.31
N VAL A 344 39.68 42.26 13.60
CA VAL A 344 39.57 42.95 12.31
C VAL A 344 39.06 44.36 12.60
N MET A 345 38.59 44.59 13.82
CA MET A 345 38.15 45.91 14.23
C MET A 345 39.35 46.82 14.48
N TRP A 386 34.80 56.04 11.58
CA TRP A 386 34.82 56.01 10.13
C TRP A 386 34.03 54.84 9.57
N ASN A 387 34.74 53.76 9.23
CA ASN A 387 34.07 52.59 8.71
C ASN A 387 33.38 51.77 9.80
N ARG A 388 33.77 51.97 11.06
CA ARG A 388 33.05 51.37 12.17
C ARG A 388 31.70 52.04 12.40
N VAL A 389 31.55 53.28 11.92
CA VAL A 389 30.29 53.99 12.07
C VAL A 389 29.21 53.36 11.19
N PHE A 390 29.61 52.82 10.04
CA PHE A 390 28.69 52.02 9.24
C PHE A 390 28.39 50.67 9.91
N ARG A 391 29.30 50.24 10.77
CA ARG A 391 29.20 48.93 11.40
C ARG A 391 28.01 48.83 12.35
N TRP A 392 27.94 49.75 13.31
CA TRP A 392 26.85 49.69 14.28
C TRP A 392 25.51 49.86 13.61
N LYS A 393 25.49 50.57 12.47
CA LYS A 393 24.31 50.60 11.62
C LYS A 393 23.94 49.20 11.13
N CYS A 394 24.95 48.36 10.86
CA CYS A 394 24.70 47.01 10.40
C CYS A 394 24.55 46.03 11.55
N HIS A 395 24.48 46.52 12.79
CA HIS A 395 23.97 45.70 13.87
C HIS A 395 22.52 46.05 14.16
N ASP A 396 22.19 47.34 14.08
CA ASP A 396 20.91 47.87 14.53
C ASP A 396 19.83 47.71 13.47
N LEU A 397 20.25 47.57 12.21
CA LEU A 397 19.31 47.24 11.16
C LEU A 397 19.18 45.75 10.94
N VAL A 398 20.23 44.99 11.18
CA VAL A 398 20.25 43.58 10.82
C VAL A 398 19.61 42.74 11.91
N LYS A 399 20.12 42.85 13.13
CA LYS A 399 19.66 41.98 14.20
C LYS A 399 18.36 42.47 14.83
N SER A 400 17.82 43.57 14.31
CA SER A 400 16.57 44.13 14.81
C SER A 400 15.37 43.27 14.48
N ARG A 401 14.21 43.71 14.95
CA ARG A 401 12.91 43.15 14.55
C ARG A 401 12.63 43.32 13.07
N VAL A 402 13.25 44.31 12.41
CA VAL A 402 12.97 44.63 11.02
C VAL A 402 13.30 43.51 10.03
N PHE A 403 14.50 42.94 10.09
CA PHE A 403 14.83 41.88 9.13
C PHE A 403 14.26 40.53 9.53
N TYR A 404 13.57 40.44 10.66
CA TYR A 404 12.70 39.31 10.87
C TYR A 404 11.41 39.48 10.08
N TRP A 405 11.10 40.71 9.67
CA TRP A 405 9.88 40.96 8.91
C TRP A 405 10.13 41.59 7.54
N LEU A 406 11.31 42.15 7.30
CA LEU A 406 11.58 42.69 5.96
C LEU A 406 11.86 41.57 4.97
N VAL A 407 12.35 40.44 5.44
CA VAL A 407 12.79 39.37 4.57
C VAL A 407 11.59 38.53 4.15
N ILE A 408 10.62 38.37 5.07
CA ILE A 408 9.44 37.55 4.79
C ILE A 408 8.58 38.16 3.70
N LEU A 409 8.44 39.48 3.67
CA LEU A 409 7.69 40.12 2.61
C LEU A 409 8.39 39.83 1.29
N ILE A 410 9.72 39.70 1.31
CA ILE A 410 10.41 39.38 0.07
C ILE A 410 10.20 37.91 -0.28
N VAL A 411 10.42 37.03 0.71
CA VAL A 411 10.43 35.59 0.47
C VAL A 411 9.03 35.08 0.14
N ALA A 412 8.03 35.50 0.90
CA ALA A 412 6.65 35.13 0.58
C ALA A 412 6.25 35.76 -0.74
N LEU A 413 6.90 36.86 -1.11
CA LEU A 413 6.61 37.44 -2.42
C LEU A 413 7.40 36.73 -3.50
N ASN A 414 8.46 36.01 -3.13
CA ASN A 414 9.15 35.20 -4.12
C ASN A 414 8.39 33.92 -4.39
N THR A 415 7.91 33.25 -3.33
CA THR A 415 7.26 31.96 -3.54
C THR A 415 5.88 32.10 -4.14
N LEU A 416 5.34 33.31 -4.23
CA LEU A 416 4.20 33.54 -5.11
C LEU A 416 4.64 33.89 -6.51
N SER A 417 5.86 34.38 -6.68
CA SER A 417 6.33 34.65 -8.03
C SER A 417 6.65 33.36 -8.75
N ILE A 418 7.27 32.41 -8.03
CA ILE A 418 7.72 31.19 -8.68
C ILE A 418 6.59 30.18 -8.81
N ALA A 419 5.49 30.38 -8.12
CA ALA A 419 4.41 29.43 -8.18
C ALA A 419 3.19 29.98 -8.89
N SER A 420 3.31 31.10 -9.60
CA SER A 420 2.19 31.51 -10.43
C SER A 420 1.97 30.54 -11.57
N GLU A 421 2.85 30.57 -12.57
CA GLU A 421 3.09 29.52 -13.56
C GLU A 421 1.89 28.85 -14.23
N HIS A 422 1.14 29.55 -15.08
CA HIS A 422 0.08 28.87 -15.80
C HIS A 422 0.60 28.18 -17.06
N HIS A 423 -0.31 27.74 -17.93
CA HIS A 423 0.06 27.39 -19.29
C HIS A 423 0.14 28.60 -20.19
N ASN A 424 -0.84 29.50 -20.13
CA ASN A 424 -0.93 30.59 -21.09
C ASN A 424 -0.35 31.89 -20.55
N GLN A 425 -0.71 32.30 -19.31
CA GLN A 425 -0.09 33.39 -18.56
C GLN A 425 -0.21 34.72 -19.29
N PRO A 426 -1.42 35.25 -19.48
CA PRO A 426 -1.85 35.74 -20.82
C PRO A 426 -0.82 36.50 -21.63
N LEU A 427 -0.42 37.71 -21.24
CA LEU A 427 0.84 38.25 -21.74
C LEU A 427 1.55 39.01 -20.64
N TRP A 428 0.81 39.54 -19.67
CA TRP A 428 1.39 40.45 -18.70
C TRP A 428 2.06 39.70 -17.58
N LEU A 429 1.57 38.50 -17.27
CA LEU A 429 2.18 37.65 -16.26
C LEU A 429 3.59 37.26 -16.55
N THR A 430 3.88 36.85 -17.78
CA THR A 430 5.23 36.43 -18.09
C THR A 430 6.20 37.59 -18.17
N HIS A 431 5.71 38.82 -18.32
CA HIS A 431 6.58 39.96 -18.17
C HIS A 431 6.88 40.22 -16.70
N LEU A 432 5.94 39.92 -15.82
CA LEU A 432 6.17 40.13 -14.39
C LEU A 432 7.07 39.07 -13.80
N GLN A 433 7.12 37.90 -14.44
CA GLN A 433 7.98 36.83 -13.95
C GLN A 433 9.44 37.24 -14.06
N ASP A 434 9.78 37.98 -15.11
CA ASP A 434 11.18 38.30 -15.34
C ASP A 434 11.60 39.55 -14.57
N ILE A 435 10.68 40.49 -14.38
CA ILE A 435 11.10 41.69 -13.65
C ILE A 435 11.18 41.39 -12.16
N ALA A 436 10.23 40.62 -11.65
CA ALA A 436 10.23 40.23 -10.25
C ALA A 436 11.55 39.54 -9.90
N ASN A 437 11.91 38.55 -10.71
CA ASN A 437 13.17 37.84 -10.52
C ASN A 437 14.35 38.82 -10.56
N ARG A 438 14.21 39.86 -11.37
CA ARG A 438 15.22 40.90 -11.47
C ARG A 438 15.18 41.81 -10.25
N VAL A 439 13.96 42.13 -9.81
CA VAL A 439 13.78 42.96 -8.62
C VAL A 439 14.18 42.20 -7.36
N LEU A 440 13.70 40.97 -7.19
CA LEU A 440 13.85 40.31 -5.90
C LEU A 440 15.27 39.81 -5.68
N LEU A 441 16.04 39.66 -6.77
CA LEU A 441 17.48 39.46 -6.60
C LEU A 441 18.17 40.70 -6.10
N SER A 442 17.65 41.89 -6.42
CA SER A 442 18.28 43.11 -5.96
C SER A 442 18.08 43.28 -4.46
N LEU A 443 17.05 42.63 -3.91
CA LEU A 443 16.90 42.61 -2.46
C LEU A 443 17.70 41.48 -1.84
N PHE A 444 17.91 40.41 -2.60
CA PHE A 444 18.64 39.25 -2.11
C PHE A 444 20.11 39.57 -1.88
N THR A 445 20.72 40.24 -2.85
CA THR A 445 22.14 40.60 -2.76
C THR A 445 22.38 41.55 -1.61
N ILE A 446 21.50 42.55 -1.45
CA ILE A 446 21.66 43.56 -0.41
C ILE A 446 21.55 42.94 0.96
N GLU A 447 20.50 42.15 1.15
CA GLU A 447 20.30 41.42 2.40
C GLU A 447 21.53 40.60 2.71
N MET A 448 22.09 39.96 1.68
CA MET A 448 23.33 39.21 1.88
C MET A 448 24.47 40.15 2.21
N LEU A 449 24.55 41.28 1.51
CA LEU A 449 25.70 42.17 1.63
C LEU A 449 25.71 42.90 2.96
N LEU A 450 24.53 43.10 3.56
CA LEU A 450 24.49 43.68 4.89
C LEU A 450 24.97 42.69 5.94
N LYS A 451 24.86 41.39 5.65
CA LYS A 451 25.46 40.38 6.51
C LYS A 451 26.95 40.27 6.27
N MET A 452 27.42 40.74 5.10
CA MET A 452 28.84 40.64 4.79
C MET A 452 29.66 41.61 5.62
N TYR A 453 29.17 42.82 5.83
CA TYR A 453 29.93 43.78 6.62
C TYR A 453 29.69 43.58 8.12
N GLY A 454 28.46 43.75 8.58
CA GLY A 454 28.22 43.86 10.00
C GLY A 454 27.88 42.57 10.73
N LEU A 455 28.54 41.46 10.36
CA LEU A 455 28.38 40.22 11.10
C LEU A 455 29.75 39.59 11.33
N GLY A 456 30.72 39.94 10.50
CA GLY A 456 31.98 39.21 10.49
C GLY A 456 32.06 38.24 9.34
N LEU A 457 33.19 38.25 8.62
CA LEU A 457 33.30 37.48 7.39
C LEU A 457 33.42 36.00 7.69
N ARG A 458 34.17 35.65 8.73
CA ARG A 458 34.41 34.24 9.04
C ARG A 458 33.19 33.63 9.71
N GLN A 459 32.41 34.46 10.41
CA GLN A 459 31.19 33.97 11.04
C GLN A 459 30.10 33.67 10.02
N TYR A 460 30.09 34.41 8.91
CA TYR A 460 29.02 34.26 7.95
C TYR A 460 29.12 32.95 7.18
N PHE A 461 30.29 32.64 6.64
CA PHE A 461 30.43 31.43 5.83
C PHE A 461 30.46 30.16 6.68
N MET A 462 30.69 30.28 7.98
CA MET A 462 30.76 29.08 8.81
C MET A 462 29.39 28.46 8.99
N SER A 463 28.36 29.30 9.11
CA SER A 463 26.99 28.81 9.21
C SER A 463 26.56 28.17 7.89
N ILE A 464 25.97 26.98 7.98
CA ILE A 464 25.67 26.22 6.77
C ILE A 464 24.48 26.81 6.05
N PHE A 465 23.52 27.37 6.80
CA PHE A 465 22.30 27.89 6.21
C PHE A 465 22.58 29.16 5.42
N ASN A 466 23.62 29.90 5.80
CA ASN A 466 23.98 31.10 5.06
C ASN A 466 25.00 30.79 3.97
N ARG A 467 25.71 29.66 4.10
CA ARG A 467 26.46 29.14 2.95
C ARG A 467 25.50 28.73 1.84
N PHE A 468 24.32 28.24 2.22
CA PHE A 468 23.27 27.98 1.26
C PHE A 468 22.81 29.26 0.58
N ASP A 469 22.76 30.35 1.35
CA ASP A 469 22.28 31.61 0.80
C ASP A 469 23.33 32.23 -0.12
N CYS A 470 24.58 31.78 0.00
CA CYS A 470 25.59 32.19 -0.97
C CYS A 470 25.34 31.56 -2.32
N PHE A 471 25.01 30.26 -2.35
CA PHE A 471 24.81 29.52 -3.58
C PHE A 471 23.57 30.00 -4.31
N VAL A 472 22.61 30.54 -3.57
CA VAL A 472 21.40 31.12 -4.16
C VAL A 472 21.75 32.39 -4.91
N VAL A 473 22.43 33.31 -4.24
CA VAL A 473 22.60 34.67 -4.75
C VAL A 473 23.57 34.68 -5.92
N CYS A 474 24.58 33.80 -5.88
CA CYS A 474 25.49 33.65 -7.02
C CYS A 474 24.76 33.10 -8.23
N SER A 475 23.92 32.08 -8.02
CA SER A 475 23.25 31.41 -9.14
C SER A 475 22.20 32.29 -9.78
N GLY A 476 21.65 33.24 -9.01
CA GLY A 476 20.70 34.17 -9.56
C GLY A 476 21.37 35.13 -10.50
N ILE A 477 22.61 35.49 -10.17
CA ILE A 477 23.36 36.41 -11.01
C ILE A 477 23.88 35.69 -12.25
N LEU A 478 24.31 34.43 -12.10
CA LEU A 478 24.82 33.67 -13.22
C LEU A 478 23.73 33.39 -14.26
N GLU A 479 22.50 33.20 -13.80
CA GLU A 479 21.46 32.83 -14.74
C GLU A 479 20.88 34.05 -15.43
N LEU A 480 21.01 35.23 -14.83
CA LEU A 480 20.46 36.42 -15.46
C LEU A 480 21.39 36.92 -16.55
N LEU A 481 22.70 36.82 -16.33
CA LEU A 481 23.66 37.36 -17.28
C LEU A 481 23.85 36.44 -18.46
N LEU A 482 23.65 35.13 -18.25
CA LEU A 482 23.80 34.15 -19.32
C LEU A 482 22.70 34.28 -20.36
N VAL A 483 21.54 34.79 -19.95
CA VAL A 483 20.49 35.08 -20.91
C VAL A 483 20.84 36.32 -21.74
N GLU A 484 21.46 37.31 -21.08
CA GLU A 484 21.87 38.52 -21.78
C GLU A 484 23.02 38.24 -22.74
N SER A 485 23.83 37.22 -22.42
CA SER A 485 24.86 36.78 -23.36
C SER A 485 24.26 36.17 -24.62
N GLY A 486 23.11 35.53 -24.51
CA GLY A 486 22.37 35.10 -25.68
C GLY A 486 22.79 33.75 -26.21
N ALA A 487 24.08 33.44 -26.14
CA ALA A 487 24.55 32.13 -26.60
C ALA A 487 24.18 31.07 -25.59
N MET A 488 22.92 30.61 -25.62
CA MET A 488 22.48 29.55 -24.75
C MET A 488 21.35 28.79 -25.43
N THR A 489 21.43 27.47 -25.36
CA THR A 489 20.49 26.55 -25.99
C THR A 489 19.14 26.62 -25.28
N PRO A 490 18.02 26.36 -25.97
CA PRO A 490 16.72 26.38 -25.30
C PRO A 490 16.52 25.20 -24.36
N LEU A 491 17.38 24.18 -24.47
CA LEU A 491 17.48 23.17 -23.44
C LEU A 491 18.03 23.73 -22.14
N GLY A 492 18.86 24.76 -22.18
CA GLY A 492 19.55 25.22 -20.99
C GLY A 492 18.82 26.27 -20.19
N ILE A 493 17.96 27.06 -20.83
CA ILE A 493 17.28 28.15 -20.15
C ILE A 493 16.15 27.57 -19.29
N SER A 494 15.67 26.39 -19.68
CA SER A 494 14.73 25.65 -18.85
C SER A 494 15.45 25.13 -17.60
N VAL A 495 16.70 24.74 -17.76
CA VAL A 495 17.51 24.27 -16.64
C VAL A 495 17.82 25.39 -15.66
N LEU A 496 18.08 26.60 -16.17
CA LEU A 496 18.33 27.74 -15.30
C LEU A 496 17.08 28.13 -14.52
N ARG A 497 15.92 27.92 -15.14
CA ARG A 497 14.65 28.25 -14.50
C ARG A 497 14.37 27.31 -13.33
N CYS A 498 14.83 26.07 -13.45
CA CYS A 498 14.63 25.09 -12.40
C CYS A 498 15.62 25.29 -11.25
N ILE A 499 16.64 26.09 -11.50
CA ILE A 499 17.66 26.37 -10.48
C ILE A 499 17.15 27.37 -9.45
N ARG A 500 16.28 28.28 -9.89
CA ARG A 500 15.71 29.26 -8.99
C ARG A 500 14.84 28.56 -7.96
N LEU A 501 14.19 27.48 -8.40
CA LEU A 501 13.21 26.80 -7.58
C LEU A 501 13.79 26.41 -6.23
N LEU A 502 15.12 26.43 -6.13
CA LEU A 502 15.81 26.08 -4.90
C LEU A 502 15.67 27.18 -3.85
N ARG A 503 15.00 28.26 -4.23
CA ARG A 503 14.79 29.39 -3.33
C ARG A 503 13.73 29.07 -2.28
N LEU A 504 12.90 28.06 -2.57
CA LEU A 504 11.86 27.66 -1.65
C LEU A 504 12.43 27.21 -0.32
N PHE A 505 13.69 26.77 -0.29
CA PHE A 505 14.29 26.42 0.99
C PHE A 505 14.67 27.65 1.81
N LYS A 506 14.60 28.82 1.18
CA LYS A 506 14.80 30.08 1.90
C LYS A 506 13.74 30.17 3.00
N ILE A 507 12.54 29.69 2.70
CA ILE A 507 11.48 29.63 3.70
C ILE A 507 11.94 28.85 4.91
N THR A 508 12.79 27.85 4.73
CA THR A 508 13.18 26.96 5.83
C THR A 508 14.26 27.53 6.72
N LYS A 509 14.59 28.81 6.57
CA LYS A 509 15.43 29.48 7.52
C LYS A 509 14.49 29.34 8.83
N TYR A 510 13.20 29.06 8.65
CA TYR A 510 12.32 28.82 9.80
C TYR A 510 12.25 27.34 10.16
N TRP A 511 11.23 26.96 10.93
CA TRP A 511 11.19 25.66 11.58
C TRP A 511 12.26 25.74 12.66
N THR A 512 11.86 25.71 13.92
CA THR A 512 12.78 25.91 15.04
C THR A 512 13.60 24.67 15.35
N SER A 513 13.04 23.50 15.07
CA SER A 513 13.74 22.25 15.30
C SER A 513 14.36 21.74 13.98
N LEU A 514 14.42 22.60 12.96
CA LEU A 514 15.02 22.21 11.69
C LEU A 514 16.39 21.51 11.96
N SER A 515 17.23 22.07 12.85
CA SER A 515 18.55 21.50 13.09
C SER A 515 18.46 20.23 13.93
N ASN A 516 17.38 20.08 14.70
CA ASN A 516 17.07 18.80 15.30
C ASN A 516 16.56 17.82 14.24
N LEU A 517 15.85 18.34 13.24
CA LEU A 517 15.17 17.48 12.28
C LEU A 517 16.15 16.86 11.30
N VAL A 518 17.07 17.67 10.76
CA VAL A 518 18.08 17.16 9.85
C VAL A 518 19.00 16.18 10.56
N ALA A 519 19.29 16.43 11.83
CA ALA A 519 20.10 15.50 12.61
C ALA A 519 19.34 14.22 12.89
N SER A 520 18.01 14.27 12.87
CA SER A 520 17.25 13.03 12.97
C SER A 520 17.30 12.25 11.66
N LEU A 521 17.14 12.94 10.54
CA LEU A 521 17.03 12.27 9.26
C LEU A 521 18.37 11.79 8.74
N LEU A 522 19.40 12.65 8.80
CA LEU A 522 20.68 12.28 8.22
C LEU A 522 21.39 11.23 9.07
N ASN A 523 21.04 11.14 10.36
CA ASN A 523 21.54 10.02 11.15
C ASN A 523 20.84 8.74 10.74
N SER A 524 19.60 8.83 10.27
CA SER A 524 18.89 7.62 9.88
C SER A 524 19.43 7.04 8.57
N ILE A 525 19.84 7.90 7.63
CA ILE A 525 20.25 7.44 6.31
C ILE A 525 21.55 6.64 6.40
N ARG A 526 22.44 7.05 7.29
CA ARG A 526 23.68 6.31 7.46
C ARG A 526 23.47 5.03 8.26
N SER A 527 22.27 4.83 8.79
CA SER A 527 21.85 3.51 9.24
C SER A 527 21.11 2.74 8.15
N ILE A 528 20.85 3.35 7.00
CA ILE A 528 20.14 2.71 5.90
C ILE A 528 21.04 2.51 4.70
N ALA A 529 22.12 3.29 4.59
CA ALA A 529 23.01 3.23 3.43
C ALA A 529 23.73 1.90 3.26
N SER A 530 23.79 1.08 4.30
CA SER A 530 24.17 -0.31 4.10
C SER A 530 23.03 -1.08 3.45
N LEU A 531 21.84 -1.01 4.05
CA LEU A 531 20.68 -1.73 3.55
C LEU A 531 20.15 -1.19 2.24
N LEU A 532 20.27 0.11 2.01
CA LEU A 532 19.68 0.67 0.79
C LEU A 532 20.50 0.28 -0.42
N LEU A 533 21.80 0.01 -0.22
CA LEU A 533 22.62 -0.51 -1.31
C LEU A 533 22.38 -2.00 -1.51
N LEU A 534 21.81 -2.67 -0.52
CA LEU A 534 21.37 -4.04 -0.78
C LEU A 534 20.05 -4.06 -1.53
N LEU A 535 19.21 -3.05 -1.32
CA LEU A 535 17.93 -3.01 -2.02
C LEU A 535 18.15 -2.71 -3.49
N PHE A 536 19.11 -1.83 -3.80
CA PHE A 536 19.35 -1.51 -5.19
C PHE A 536 20.02 -2.65 -5.92
N LEU A 537 20.79 -3.47 -5.21
CA LEU A 537 21.41 -4.62 -5.87
C LEU A 537 20.47 -5.82 -5.85
N PHE A 538 19.33 -5.68 -5.20
CA PHE A 538 18.28 -6.68 -5.29
C PHE A 538 17.41 -6.43 -6.52
N ILE A 539 17.15 -5.16 -6.81
CA ILE A 539 16.28 -4.79 -7.90
C ILE A 539 17.03 -4.86 -9.22
N ILE A 540 18.35 -5.03 -9.18
CA ILE A 540 19.12 -5.25 -10.39
C ILE A 540 19.08 -6.72 -10.80
N ILE A 541 19.22 -7.64 -9.84
CA ILE A 541 19.21 -9.08 -10.14
C ILE A 541 17.88 -9.48 -10.74
N PHE A 542 16.80 -8.99 -10.17
CA PHE A 542 15.48 -9.25 -10.73
C PHE A 542 15.21 -8.48 -12.01
N ALA A 543 15.93 -7.39 -12.27
CA ALA A 543 15.80 -6.77 -13.58
C ALA A 543 16.63 -7.50 -14.62
N LEU A 544 17.76 -8.07 -14.22
CA LEU A 544 18.54 -8.84 -15.17
C LEU A 544 17.94 -10.21 -15.39
N LEU A 545 17.15 -10.68 -14.45
CA LEU A 545 16.48 -11.96 -14.62
C LEU A 545 15.27 -11.83 -15.52
N GLY A 546 14.46 -10.80 -15.30
CA GLY A 546 13.23 -10.67 -16.05
C GLY A 546 13.47 -10.37 -17.50
N MET A 547 14.57 -9.69 -17.79
CA MET A 547 14.99 -9.48 -19.15
C MET A 547 15.44 -10.77 -19.83
N GLN A 548 15.77 -11.82 -19.08
CA GLN A 548 16.10 -13.09 -19.72
C GLN A 548 14.90 -13.98 -19.90
N LEU A 549 13.92 -13.94 -19.00
CA LEU A 549 12.73 -14.77 -19.12
C LEU A 549 11.72 -14.18 -20.06
N PHE A 550 11.48 -12.88 -20.00
CA PHE A 550 10.45 -12.24 -20.79
C PHE A 550 10.98 -11.54 -22.02
N GLY A 551 12.08 -10.79 -21.93
CA GLY A 551 13.01 -10.53 -23.01
C GLY A 551 12.53 -10.25 -24.41
N GLY A 552 11.45 -9.49 -24.51
CA GLY A 552 10.84 -9.39 -25.81
C GLY A 552 10.12 -10.63 -26.24
N ARG A 553 9.53 -11.37 -25.30
CA ARG A 553 8.47 -12.29 -25.68
C ARG A 553 7.13 -11.62 -25.63
N TYR A 554 7.09 -10.33 -25.33
CA TYR A 554 5.82 -9.61 -25.38
C TYR A 554 5.50 -9.22 -26.81
N ASP A 555 5.27 -10.20 -27.67
CA ASP A 555 5.00 -9.91 -29.08
C ASP A 555 3.50 -9.90 -29.36
N PHE A 556 2.83 -11.04 -29.15
CA PHE A 556 1.39 -11.18 -28.91
C PHE A 556 0.44 -10.96 -30.08
N GLU A 557 0.95 -10.41 -31.18
CA GLU A 557 0.21 -10.12 -32.43
C GLU A 557 -1.08 -9.35 -32.15
N ASP A 558 -1.02 -8.35 -31.28
CA ASP A 558 -2.22 -7.61 -30.92
C ASP A 558 -1.94 -6.12 -31.01
N THR A 559 -2.91 -5.28 -30.67
CA THR A 559 -2.68 -3.84 -30.80
C THR A 559 -2.72 -3.09 -29.50
N GLU A 560 -3.08 -3.73 -28.39
CA GLU A 560 -3.11 -3.00 -27.14
C GLU A 560 -1.70 -2.80 -26.63
N VAL A 561 -1.51 -1.73 -25.88
CA VAL A 561 -0.17 -1.35 -25.43
C VAL A 561 0.18 -2.09 -24.14
N ARG A 562 0.98 -3.15 -24.27
CA ARG A 562 1.57 -3.80 -23.11
C ARG A 562 2.82 -3.01 -22.81
N ARG A 563 2.66 -1.93 -22.04
CA ARG A 563 3.64 -0.87 -22.04
C ARG A 563 4.79 -1.11 -21.08
N SER A 564 4.56 -1.80 -19.98
CA SER A 564 5.67 -2.15 -19.08
C SER A 564 6.38 -3.42 -19.51
N ASN A 565 6.91 -3.42 -20.72
CA ASN A 565 7.61 -4.58 -21.25
C ASN A 565 9.01 -4.62 -20.70
N PHE A 566 9.76 -5.69 -20.96
CA PHE A 566 11.09 -5.77 -20.39
C PHE A 566 12.18 -5.64 -21.44
N ASP A 567 11.85 -5.34 -22.69
CA ASP A 567 12.79 -5.44 -23.80
C ASP A 567 13.76 -4.25 -23.85
N ASN A 568 14.43 -3.95 -22.73
CA ASN A 568 15.39 -2.85 -22.61
C ASN A 568 15.97 -2.96 -21.22
N PHE A 569 17.06 -2.27 -20.91
CA PHE A 569 17.41 -2.24 -19.49
C PHE A 569 16.62 -1.23 -18.67
N PRO A 570 16.37 0.02 -19.10
CA PRO A 570 15.54 0.88 -18.23
C PRO A 570 14.09 0.45 -18.16
N GLN A 571 13.51 -0.08 -19.24
CA GLN A 571 12.12 -0.53 -19.19
C GLN A 571 11.94 -1.70 -18.27
N ALA A 572 12.99 -2.48 -18.05
CA ALA A 572 12.91 -3.53 -17.06
C ALA A 572 13.29 -3.02 -15.70
N LEU A 573 13.67 -1.75 -15.60
CA LEU A 573 14.02 -1.22 -14.29
C LEU A 573 12.90 -0.35 -13.75
N ILE A 574 12.12 0.24 -14.65
CA ILE A 574 10.81 0.77 -14.29
C ILE A 574 9.89 -0.35 -13.86
N SER A 575 9.82 -1.40 -14.68
CA SER A 575 8.79 -2.41 -14.54
C SER A 575 8.98 -3.27 -13.31
N VAL A 576 10.23 -3.48 -12.90
CA VAL A 576 10.44 -4.18 -11.64
C VAL A 576 10.06 -3.30 -10.48
N PHE A 577 10.45 -2.03 -10.54
CA PHE A 577 10.14 -1.12 -9.45
C PHE A 577 8.66 -0.79 -9.37
N GLN A 578 7.90 -1.07 -10.43
CA GLN A 578 6.45 -0.98 -10.38
C GLN A 578 5.84 -2.15 -9.62
N VAL A 579 6.35 -3.36 -9.81
CA VAL A 579 5.78 -4.48 -9.07
C VAL A 579 6.40 -4.58 -7.70
N LEU A 580 7.38 -3.75 -7.41
CA LEU A 580 7.94 -3.73 -6.07
C LEU A 580 7.05 -2.92 -5.15
N THR A 581 6.66 -1.72 -5.58
CA THR A 581 5.79 -0.86 -4.81
C THR A 581 4.34 -1.30 -4.82
N GLY A 582 4.01 -2.40 -5.47
CA GLY A 582 2.69 -2.95 -5.38
C GLY A 582 1.71 -2.48 -6.41
N GLU A 583 1.98 -1.35 -7.04
CA GLU A 583 1.04 -0.76 -8.00
C GLU A 583 0.93 -1.51 -9.33
N ASP A 584 -0.18 -2.23 -9.51
CA ASP A 584 -0.55 -2.80 -10.80
C ASP A 584 0.39 -3.92 -11.18
N TRP A 585 0.83 -4.71 -10.20
CA TRP A 585 1.59 -5.89 -10.56
C TRP A 585 0.71 -6.99 -11.09
N ASN A 586 -0.60 -6.77 -11.07
CA ASN A 586 -1.55 -7.75 -11.57
C ASN A 586 -1.52 -7.84 -13.10
N SER A 587 -1.56 -6.68 -13.74
CA SER A 587 -1.52 -6.62 -15.20
C SER A 587 -0.16 -7.08 -15.72
N VAL A 588 0.87 -6.91 -14.89
CA VAL A 588 2.22 -7.31 -15.26
C VAL A 588 2.35 -8.83 -15.24
N MET A 589 1.89 -9.44 -14.16
CA MET A 589 1.93 -10.90 -14.03
C MET A 589 1.06 -11.57 -15.07
N TYR A 590 -0.03 -10.92 -15.48
CA TYR A 590 -0.87 -11.51 -16.51
C TYR A 590 -0.26 -11.42 -17.89
N ASN A 591 0.92 -10.82 -18.01
CA ASN A 591 1.57 -10.80 -19.30
C ASN A 591 2.72 -11.79 -19.33
N GLY A 592 3.41 -11.95 -18.22
CA GLY A 592 4.43 -12.98 -18.14
C GLY A 592 3.85 -14.38 -18.20
N ILE A 593 2.64 -14.54 -17.69
CA ILE A 593 1.95 -15.82 -17.80
C ILE A 593 1.48 -16.02 -19.23
N MET A 594 1.08 -14.95 -19.90
CA MET A 594 0.52 -15.13 -21.22
C MET A 594 1.62 -15.09 -22.28
N ALA A 595 2.81 -14.60 -21.93
CA ALA A 595 3.91 -14.64 -22.89
C ALA A 595 4.37 -16.06 -23.15
N TYR A 596 4.56 -16.85 -22.10
CA TYR A 596 5.02 -18.20 -22.37
C TYR A 596 3.94 -19.08 -22.96
N GLY A 597 2.97 -19.45 -22.16
CA GLY A 597 2.15 -20.55 -22.56
C GLY A 597 0.69 -20.48 -22.20
N GLY A 598 0.08 -19.30 -22.24
CA GLY A 598 -0.96 -18.86 -21.32
C GLY A 598 -2.05 -19.85 -20.96
N PRO A 599 -2.64 -19.68 -19.79
CA PRO A 599 -2.50 -20.66 -18.71
C PRO A 599 -2.34 -22.10 -19.13
N SER A 600 -1.30 -22.73 -18.59
CA SER A 600 -1.05 -24.16 -18.76
C SER A 600 -0.30 -24.72 -17.56
N TYR A 601 0.30 -25.89 -17.76
CA TYR A 601 1.15 -26.50 -16.75
C TYR A 601 2.48 -25.77 -16.69
N PRO A 602 3.30 -25.92 -17.72
CA PRO A 602 4.67 -25.42 -17.60
C PRO A 602 4.69 -23.91 -17.48
N GLY A 603 3.63 -23.24 -17.93
CA GLY A 603 3.66 -21.82 -18.24
C GLY A 603 3.30 -20.94 -17.06
N VAL A 604 2.39 -21.40 -16.19
CA VAL A 604 1.96 -20.62 -15.05
C VAL A 604 2.95 -20.77 -13.89
N LEU A 605 4.04 -21.50 -14.10
CA LEU A 605 5.11 -21.46 -13.12
C LEU A 605 5.98 -20.22 -13.28
N VAL A 606 5.54 -19.24 -14.06
CA VAL A 606 6.16 -17.94 -14.14
C VAL A 606 5.42 -16.97 -13.22
N CYS A 607 4.39 -17.48 -12.53
CA CYS A 607 3.90 -16.79 -11.35
C CYS A 607 5.00 -16.66 -10.32
N ILE A 608 5.87 -17.66 -10.22
CA ILE A 608 6.92 -17.74 -9.22
C ILE A 608 7.92 -16.58 -9.35
N TYR A 609 8.05 -16.00 -10.54
CA TYR A 609 8.87 -14.81 -10.63
C TYR A 609 8.21 -13.61 -9.97
N PHE A 610 6.91 -13.42 -10.15
CA PHE A 610 6.26 -12.27 -9.55
C PHE A 610 5.76 -12.55 -8.14
N ILE A 611 6.16 -13.65 -7.52
CA ILE A 611 5.85 -13.86 -6.11
C ILE A 611 7.08 -13.51 -5.29
N ILE A 612 8.21 -14.11 -5.64
CA ILE A 612 9.45 -13.91 -4.91
C ILE A 612 9.92 -12.46 -5.04
N LEU A 613 9.62 -11.83 -6.16
CA LEU A 613 9.86 -10.40 -6.29
C LEU A 613 8.99 -9.58 -5.36
N PHE A 614 7.81 -10.06 -5.05
CA PHE A 614 6.91 -9.28 -4.22
C PHE A 614 6.99 -9.66 -2.76
N VAL A 615 7.43 -10.87 -2.43
CA VAL A 615 7.59 -11.22 -1.03
C VAL A 615 8.98 -10.82 -0.55
N CYS A 616 10.03 -11.27 -1.23
CA CYS A 616 11.38 -10.92 -0.81
C CYS A 616 11.65 -9.45 -1.04
N GLY A 617 11.09 -8.89 -2.10
CA GLY A 617 11.35 -7.50 -2.41
C GLY A 617 10.67 -6.54 -1.46
N ASN A 618 9.76 -7.05 -0.64
CA ASN A 618 9.16 -6.24 0.38
C ASN A 618 9.81 -6.52 1.74
N TYR A 619 10.28 -7.74 1.94
CA TYR A 619 10.95 -8.12 3.18
C TYR A 619 12.30 -7.46 3.34
N ILE A 620 12.99 -7.14 2.25
CA ILE A 620 14.13 -6.25 2.35
C ILE A 620 13.67 -4.90 2.81
N LEU A 621 12.57 -4.44 2.22
CA LEU A 621 12.08 -3.09 2.44
C LEU A 621 11.34 -3.00 3.76
N LEU A 622 10.98 -4.13 4.33
CA LEU A 622 10.49 -4.13 5.70
C LEU A 622 11.65 -4.11 6.68
N ASN A 623 12.86 -4.38 6.21
CA ASN A 623 13.99 -4.37 7.10
C ASN A 623 14.68 -3.01 7.12
N VAL A 624 14.34 -2.10 6.19
CA VAL A 624 14.75 -0.71 6.39
C VAL A 624 13.82 -0.04 7.37
N PHE A 625 12.70 -0.69 7.68
CA PHE A 625 11.78 -0.17 8.68
C PHE A 625 12.28 -0.44 10.10
N LEU A 626 13.15 -1.42 10.26
CA LEU A 626 13.69 -1.69 11.59
C LEU A 626 14.93 -0.87 11.89
N ALA A 627 15.83 -0.76 10.92
CA ALA A 627 17.12 -0.13 11.17
C ALA A 627 16.95 1.35 11.45
N ILE A 628 15.90 1.95 10.92
CA ILE A 628 15.49 3.26 11.38
C ILE A 628 14.99 3.17 12.82
N ALA A 629 14.14 2.18 13.11
CA ALA A 629 13.46 2.14 14.39
C ALA A 629 14.40 1.79 15.54
N VAL A 630 15.53 1.14 15.25
CA VAL A 630 16.54 0.95 16.29
C VAL A 630 17.45 2.16 16.37
N ASP A 631 17.48 2.96 15.30
CA ASP A 631 18.26 4.20 15.35
C ASP A 631 17.44 5.34 15.92
N ASN A 632 16.15 5.35 15.63
CA ASN A 632 15.28 6.38 16.16
C ASN A 632 14.89 6.08 17.61
N LEU A 633 15.22 4.89 18.11
CA LEU A 633 14.98 4.59 19.52
C LEU A 633 16.17 4.99 20.40
N ALA A 634 17.37 5.11 19.82
CA ALA A 634 18.53 5.51 20.61
C ALA A 634 18.43 6.96 21.06
N GLU A 635 17.76 7.80 20.25
CA GLU A 635 17.61 9.19 20.64
C GLU A 635 16.52 9.37 21.69
N ALA A 636 15.59 8.43 21.79
CA ALA A 636 14.50 8.53 22.74
C ALA A 636 14.92 8.16 24.16
N GLU A 637 16.14 7.66 24.35
CA GLU A 637 16.62 7.35 25.68
C GLU A 637 17.14 8.58 26.42
N SER A 638 17.16 9.73 25.74
CA SER A 638 17.81 10.91 26.27
C SER A 638 17.26 12.21 25.68
N VAL A 757 -40.24 23.95 37.11
CA VAL A 757 -39.52 23.44 38.26
C VAL A 757 -38.27 22.71 37.80
N ARG A 758 -37.11 23.18 38.26
CA ARG A 758 -35.85 22.69 37.70
C ARG A 758 -35.42 21.39 38.36
N VAL A 759 -36.09 20.99 39.44
CA VAL A 759 -35.85 19.67 40.01
C VAL A 759 -36.38 18.60 39.06
N LEU A 760 -37.47 18.88 38.36
CA LEU A 760 -38.05 17.94 37.42
C LEU A 760 -37.18 17.79 36.17
N CYS A 761 -36.58 18.87 35.69
CA CYS A 761 -35.68 18.76 34.53
C CYS A 761 -34.34 18.17 34.93
N HIS A 762 -34.01 18.20 36.23
CA HIS A 762 -32.75 17.63 36.68
C HIS A 762 -32.78 16.10 36.66
N ARG A 763 -33.93 15.51 36.93
CA ARG A 763 -34.01 14.05 36.95
C ARG A 763 -33.98 13.50 35.52
N ILE A 764 -34.68 14.19 34.62
CA ILE A 764 -34.89 13.69 33.26
C ILE A 764 -33.56 13.45 32.57
N VAL A 765 -32.64 14.41 32.68
CA VAL A 765 -31.33 14.33 32.06
C VAL A 765 -30.53 13.18 32.65
N ASN A 766 -30.72 12.90 33.93
CA ASN A 766 -30.07 11.75 34.57
C ASN A 766 -31.03 10.58 34.77
N ALA A 767 -32.04 10.45 33.91
CA ALA A 767 -32.93 9.30 33.98
C ALA A 767 -32.44 8.16 33.09
N THR A 768 -32.81 6.94 33.48
CA THR A 768 -32.58 5.80 32.59
C THR A 768 -33.60 5.79 31.46
N TRP A 769 -34.75 6.43 31.70
CA TRP A 769 -35.83 6.46 30.72
C TRP A 769 -35.45 7.30 29.52
N PHE A 770 -34.54 8.25 29.71
CA PHE A 770 -34.24 9.28 28.71
C PHE A 770 -32.94 8.99 27.98
N THR A 771 -31.94 8.48 28.69
CA THR A 771 -30.67 8.12 28.05
C THR A 771 -30.83 6.91 27.16
N ASN A 772 -31.51 5.87 27.66
CA ASN A 772 -31.75 4.68 26.86
C ASN A 772 -32.78 4.97 25.77
N PHE A 773 -33.58 6.03 25.95
CA PHE A 773 -34.47 6.51 24.90
C PHE A 773 -33.66 6.98 23.70
N ILE A 774 -32.66 7.83 23.95
CA ILE A 774 -31.86 8.47 22.90
C ILE A 774 -31.06 7.46 22.09
N LEU A 775 -30.37 6.54 22.76
CA LEU A 775 -29.56 5.51 22.11
C LEU A 775 -30.40 4.62 21.22
N LEU A 776 -31.62 4.34 21.64
CA LEU A 776 -32.55 3.63 20.78
C LEU A 776 -33.12 4.54 19.71
N PHE A 777 -33.17 5.85 19.99
CA PHE A 777 -33.74 6.77 19.02
C PHE A 777 -32.74 7.19 17.96
N ILE A 778 -31.46 7.25 18.31
CA ILE A 778 -30.40 7.47 17.33
C ILE A 778 -30.41 6.37 16.28
N LEU A 779 -30.50 5.12 16.75
CA LEU A 779 -30.43 3.95 15.87
C LEU A 779 -31.62 3.88 14.92
N LEU A 780 -32.75 4.45 15.30
CA LEU A 780 -33.89 4.48 14.39
C LEU A 780 -33.86 5.74 13.54
N SER A 781 -33.12 6.75 13.99
CA SER A 781 -33.00 7.98 13.20
C SER A 781 -32.13 7.74 11.98
N SER A 782 -31.06 6.97 12.16
CA SER A 782 -30.09 6.79 11.09
C SER A 782 -30.36 5.54 10.29
N ALA A 783 -31.28 4.69 10.74
CA ALA A 783 -31.66 3.56 9.92
C ALA A 783 -32.50 4.00 8.72
N ALA A 784 -33.36 4.99 8.90
CA ALA A 784 -34.06 5.54 7.76
C ALA A 784 -33.15 6.45 6.97
N LEU A 785 -32.27 7.17 7.67
CA LEU A 785 -31.34 8.07 7.01
C LEU A 785 -30.27 7.31 6.24
N ALA A 786 -30.05 6.04 6.58
CA ALA A 786 -29.21 5.19 5.77
C ALA A 786 -29.78 5.00 4.38
N ALA A 787 -30.93 4.37 4.28
CA ALA A 787 -31.46 3.98 2.98
C ALA A 787 -32.66 4.85 2.67
N GLU A 788 -32.42 6.01 2.06
CA GLU A 788 -33.52 6.91 1.72
C GLU A 788 -34.21 6.37 0.48
N ASP A 789 -33.87 6.94 -0.68
CA ASP A 789 -34.29 6.38 -1.96
C ASP A 789 -33.05 5.76 -2.56
N PRO A 790 -32.05 6.60 -2.81
CA PRO A 790 -32.22 8.04 -2.65
C PRO A 790 -32.55 8.73 -3.97
N ILE A 791 -32.62 8.01 -5.07
CA ILE A 791 -33.05 8.65 -6.30
C ILE A 791 -34.39 8.19 -6.84
N ARG A 792 -35.48 8.67 -6.24
CA ARG A 792 -36.78 8.50 -6.88
C ARG A 792 -37.59 9.80 -6.82
N ALA A 793 -37.54 10.41 -5.64
CA ALA A 793 -38.17 11.70 -5.32
C ALA A 793 -39.69 11.71 -5.41
N GLU A 794 -40.30 10.57 -5.75
CA GLU A 794 -41.73 10.52 -5.97
C GLU A 794 -42.34 9.27 -5.34
N SER A 795 -41.54 8.23 -5.13
CA SER A 795 -42.08 6.91 -4.91
C SER A 795 -42.59 6.73 -3.48
N VAL A 796 -42.96 5.49 -3.18
CA VAL A 796 -43.64 5.13 -1.94
C VAL A 796 -42.64 5.16 -0.79
N ARG A 797 -41.36 4.98 -1.12
CA ARG A 797 -40.31 5.01 -0.12
C ARG A 797 -39.93 6.44 0.27
N ASN A 798 -40.67 7.43 -0.25
CA ASN A 798 -40.46 8.82 0.15
C ASN A 798 -41.49 9.34 1.17
N GLN A 799 -42.76 9.08 0.90
CA GLN A 799 -43.89 9.55 1.70
C GLN A 799 -43.86 8.93 3.08
N ILE A 800 -43.35 7.70 3.15
CA ILE A 800 -43.10 7.04 4.42
C ILE A 800 -42.00 7.75 5.19
N LEU A 801 -40.94 8.17 4.50
CA LEU A 801 -39.78 8.69 5.21
C LEU A 801 -39.91 10.17 5.52
N GLY A 802 -40.67 10.90 4.70
CA GLY A 802 -40.96 12.29 5.03
C GLY A 802 -41.79 12.41 6.30
N TYR A 803 -42.65 11.43 6.55
CA TYR A 803 -43.37 11.36 7.82
C TYR A 803 -42.45 10.86 8.92
N PHE A 804 -41.39 10.14 8.55
CA PHE A 804 -40.55 9.53 9.55
C PHE A 804 -39.38 10.44 9.90
N ASP A 805 -39.21 11.51 9.13
CA ASP A 805 -38.10 12.42 9.34
C ASP A 805 -38.49 13.68 10.12
N ILE A 806 -39.59 14.30 9.74
CA ILE A 806 -40.02 15.56 10.35
C ILE A 806 -40.49 15.31 11.78
N ALA A 807 -41.12 14.17 12.01
CA ALA A 807 -41.50 13.76 13.36
C ALA A 807 -40.28 13.48 14.23
N PHE A 808 -39.15 13.14 13.62
CA PHE A 808 -37.95 12.86 14.40
C PHE A 808 -37.19 14.12 14.76
N THR A 809 -37.36 15.19 13.98
CA THR A 809 -36.72 16.44 14.33
C THR A 809 -37.37 17.06 15.57
N SER A 810 -38.62 16.68 15.82
CA SER A 810 -39.35 17.20 16.97
C SER A 810 -38.70 16.75 18.28
N VAL A 811 -38.52 15.45 18.43
CA VAL A 811 -37.90 14.89 19.63
C VAL A 811 -36.51 15.48 19.85
N PHE A 812 -35.70 15.48 18.80
CA PHE A 812 -34.35 16.03 18.88
C PHE A 812 -34.33 17.40 19.54
N THR A 813 -35.00 18.36 18.90
CA THR A 813 -35.08 19.71 19.44
C THR A 813 -35.61 19.72 20.86
N VAL A 814 -36.38 18.70 21.20
CA VAL A 814 -36.96 18.58 22.54
C VAL A 814 -35.88 18.27 23.57
N GLU A 815 -34.85 17.57 23.12
CA GLU A 815 -33.73 17.19 23.97
C GLU A 815 -32.83 18.39 24.26
N ILE A 816 -32.68 19.28 23.29
CA ILE A 816 -31.82 20.45 23.52
C ILE A 816 -32.53 21.47 24.40
N VAL A 817 -33.85 21.36 24.55
CA VAL A 817 -34.54 22.17 25.56
C VAL A 817 -34.16 21.70 26.95
N LEU A 818 -34.24 20.39 27.18
CA LEU A 818 -34.14 19.86 28.53
C LEU A 818 -32.69 19.84 29.03
N LYS A 819 -31.72 20.06 28.13
CA LYS A 819 -30.34 20.24 28.57
C LYS A 819 -30.09 21.68 29.02
N MET A 820 -30.73 22.65 28.35
CA MET A 820 -30.47 24.06 28.61
C MET A 820 -31.25 24.56 29.82
N THR A 821 -32.34 23.90 30.18
CA THR A 821 -33.07 24.24 31.40
C THR A 821 -32.41 23.73 32.65
N THR A 822 -31.32 22.97 32.53
CA THR A 822 -30.56 22.48 33.66
C THR A 822 -29.34 23.33 33.99
N TYR A 823 -28.64 23.85 32.97
CA TYR A 823 -27.48 24.69 33.23
C TYR A 823 -27.71 26.11 32.70
N ARG A 834 -19.67 24.93 27.00
CA ARG A 834 -18.26 24.67 27.24
C ARG A 834 -17.81 23.33 26.66
N ASN A 835 -18.62 22.28 26.87
CA ASN A 835 -18.34 20.96 26.36
C ASN A 835 -18.41 20.87 24.85
N TYR A 836 -17.48 20.12 24.25
CA TYR A 836 -17.40 20.00 22.80
C TYR A 836 -18.55 19.17 22.24
N PHE A 837 -19.15 18.34 23.11
CA PHE A 837 -20.31 17.55 22.72
C PHE A 837 -21.60 18.37 22.69
N ASN A 838 -21.66 19.46 23.45
CA ASN A 838 -22.87 20.30 23.45
C ASN A 838 -22.81 21.36 22.37
N ILE A 839 -21.60 21.70 21.93
CA ILE A 839 -21.45 22.62 20.80
C ILE A 839 -21.89 21.96 19.50
N LEU A 840 -21.80 20.63 19.45
CA LEU A 840 -22.28 19.88 18.30
C LEU A 840 -23.75 19.50 18.46
N ASP A 841 -24.20 19.32 19.70
CA ASP A 841 -25.59 19.02 20.00
C ASP A 841 -26.49 20.21 19.62
N LEU A 842 -26.00 21.42 19.86
CA LEU A 842 -26.77 22.61 19.53
C LEU A 842 -26.62 22.99 18.06
N LEU A 843 -25.67 22.38 17.36
CA LEU A 843 -25.45 22.66 15.94
C LEU A 843 -26.32 21.79 15.04
N VAL A 844 -26.46 20.51 15.38
CA VAL A 844 -27.23 19.59 14.54
C VAL A 844 -28.73 19.74 14.79
N VAL A 845 -29.09 20.18 16.00
CA VAL A 845 -30.50 20.32 16.35
C VAL A 845 -31.12 21.54 15.69
N ALA A 846 -30.36 22.65 15.63
CA ALA A 846 -30.87 23.89 15.06
C ALA A 846 -31.07 23.77 13.56
N VAL A 847 -30.27 22.94 12.89
CA VAL A 847 -30.43 22.74 11.46
C VAL A 847 -31.57 21.79 11.14
N SER A 848 -31.76 20.76 11.97
CA SER A 848 -32.90 19.87 11.80
C SER A 848 -34.22 20.57 12.11
N LEU A 849 -34.18 21.62 12.94
CA LEU A 849 -35.38 22.40 13.20
C LEU A 849 -35.70 23.30 12.01
N ILE A 850 -34.66 23.79 11.32
CA ILE A 850 -34.90 24.71 10.22
C ILE A 850 -35.28 23.96 8.96
N SER A 851 -35.06 22.65 8.92
CA SER A 851 -35.63 21.85 7.85
C SER A 851 -37.14 21.82 7.94
N MET A 852 -37.68 21.89 9.17
CA MET A 852 -39.11 22.05 9.35
C MET A 852 -39.55 23.45 8.94
N GLY A 853 -38.65 24.43 9.06
CA GLY A 853 -38.90 25.73 8.47
C GLY A 853 -38.73 25.69 6.96
N LEU A 854 -37.88 24.79 6.47
CA LEU A 854 -37.72 24.62 5.03
C LEU A 854 -38.78 23.68 4.46
N VAL A 861 -30.81 23.92 1.53
CA VAL A 861 -31.85 24.46 2.39
C VAL A 861 -32.83 23.36 2.75
N VAL A 862 -33.28 22.62 1.74
CA VAL A 862 -34.14 21.47 2.00
C VAL A 862 -33.30 20.27 2.40
N LYS A 863 -32.41 19.83 1.52
CA LYS A 863 -31.67 18.60 1.72
C LYS A 863 -30.36 18.79 2.47
N ILE A 864 -29.88 20.04 2.58
CA ILE A 864 -28.68 20.32 3.37
C ILE A 864 -28.96 20.08 4.85
N LEU A 865 -30.12 20.54 5.32
CA LEU A 865 -30.47 20.42 6.72
C LEU A 865 -30.89 18.99 7.07
N ARG A 866 -31.17 18.19 6.05
CA ARG A 866 -31.49 16.79 6.23
C ARG A 866 -30.19 16.12 6.65
N VAL A 867 -29.09 16.52 6.02
CA VAL A 867 -27.81 15.81 6.17
C VAL A 867 -27.07 16.36 7.39
N LEU A 868 -27.49 17.50 7.91
CA LEU A 868 -26.93 17.95 9.17
C LEU A 868 -27.44 17.15 10.38
N ARG A 869 -28.41 16.27 10.13
CA ARG A 869 -28.89 15.37 11.17
C ARG A 869 -28.02 14.11 11.33
N VAL A 870 -27.01 13.95 10.47
CA VAL A 870 -26.15 12.77 10.57
C VAL A 870 -25.15 12.87 11.72
N LEU A 871 -24.96 14.05 12.29
CA LEU A 871 -23.91 14.25 13.27
C LEU A 871 -24.19 13.54 14.58
N ARG A 872 -25.49 13.38 14.87
CA ARG A 872 -25.98 12.76 16.08
C ARG A 872 -25.02 11.77 16.71
N PRO A 873 -24.85 10.61 16.09
CA PRO A 873 -24.11 9.54 16.79
C PRO A 873 -22.71 9.91 17.21
N LEU A 874 -22.21 11.05 16.73
CA LEU A 874 -20.92 11.55 17.18
C LEU A 874 -20.99 11.86 18.67
N ARG A 875 -22.14 12.37 19.10
CA ARG A 875 -22.37 12.65 20.51
C ARG A 875 -22.27 11.37 21.34
N ALA A 876 -22.78 10.27 20.78
CA ALA A 876 -22.69 8.99 21.48
C ALA A 876 -21.26 8.49 21.56
N ILE A 877 -20.38 8.99 20.69
CA ILE A 877 -18.98 8.60 20.71
C ILE A 877 -18.26 9.25 21.88
N ASN A 878 -18.62 10.49 22.22
CA ASN A 878 -18.07 11.13 23.41
C ASN A 878 -18.60 10.50 24.70
N ARG A 879 -19.60 9.63 24.61
CA ARG A 879 -20.11 8.88 25.75
C ARG A 879 -19.37 7.56 25.89
N ALA A 880 -18.37 7.34 25.04
CA ALA A 880 -17.52 6.16 25.10
C ALA A 880 -16.19 6.54 25.72
N LYS A 881 -15.62 5.63 26.48
CA LYS A 881 -14.42 5.94 27.27
C LYS A 881 -13.13 5.34 26.74
N GLY A 882 -13.20 4.30 25.90
CA GLY A 882 -11.98 3.65 25.48
C GLY A 882 -11.11 4.57 24.64
N LEU A 883 -11.74 5.48 23.91
CA LEU A 883 -11.04 6.29 22.92
C LEU A 883 -10.21 7.39 23.54
N LYS A 884 -10.54 7.75 24.78
CA LYS A 884 -9.82 8.78 25.49
C LYS A 884 -8.36 8.40 25.67
N HIS A 885 -8.10 7.10 25.73
CA HIS A 885 -6.74 6.62 25.86
C HIS A 885 -6.04 6.61 24.50
N VAL A 886 -6.78 6.28 23.45
CA VAL A 886 -6.18 6.04 22.14
C VAL A 886 -5.94 7.34 21.40
N VAL A 887 -6.98 8.18 21.35
CA VAL A 887 -6.90 9.44 20.61
C VAL A 887 -5.92 10.39 21.29
N GLN A 888 -5.86 10.35 22.63
CA GLN A 888 -4.94 11.21 23.37
C GLN A 888 -3.50 10.78 23.14
N CYS A 889 -3.25 9.47 23.07
CA CYS A 889 -1.90 8.97 22.83
C CYS A 889 -1.42 9.32 21.43
N VAL A 890 -2.34 9.47 20.48
CA VAL A 890 -1.94 9.77 19.11
C VAL A 890 -1.59 11.24 18.96
N PHE A 891 -2.35 12.12 19.61
CA PHE A 891 -2.00 13.54 19.55
C PHE A 891 -0.75 13.87 20.34
N VAL A 892 -0.30 12.97 21.22
CA VAL A 892 1.07 13.07 21.74
C VAL A 892 2.05 12.87 20.59
N ALA A 893 1.77 11.90 19.73
CA ALA A 893 2.73 11.52 18.69
C ALA A 893 2.76 12.54 17.57
N ILE A 894 1.66 13.24 17.34
CA ILE A 894 1.62 14.26 16.29
C ILE A 894 2.49 15.45 16.64
N ARG A 895 2.54 15.81 17.91
CA ARG A 895 3.38 16.92 18.36
C ARG A 895 4.87 16.74 18.04
N THR A 896 5.33 15.49 17.97
CA THR A 896 6.75 15.22 17.74
C THR A 896 7.03 14.89 16.28
N ILE A 897 5.98 14.57 15.53
CA ILE A 897 6.09 14.24 14.12
C ILE A 897 5.65 15.39 13.24
N GLY A 898 4.92 16.33 13.83
CA GLY A 898 4.56 17.55 13.14
C GLY A 898 5.67 18.16 12.32
N ASN A 899 6.89 18.11 12.84
CA ASN A 899 8.05 18.67 12.14
C ASN A 899 8.30 17.96 10.81
N ILE A 900 8.12 16.65 10.79
CA ILE A 900 8.32 15.87 9.58
C ILE A 900 7.17 16.10 8.60
N VAL A 901 5.93 16.21 9.12
CA VAL A 901 4.77 16.36 8.25
C VAL A 901 4.79 17.73 7.57
N LEU A 902 5.35 18.71 8.26
CA LEU A 902 5.46 20.04 7.69
C LEU A 902 6.57 20.11 6.64
N VAL A 903 7.46 19.13 6.60
CA VAL A 903 8.48 19.11 5.55
C VAL A 903 8.01 18.25 4.37
N THR A 904 7.28 17.18 4.65
CA THR A 904 6.86 16.31 3.55
C THR A 904 5.73 16.93 2.75
N THR A 905 5.08 17.98 3.28
CA THR A 905 4.14 18.71 2.46
C THR A 905 4.78 19.94 1.86
N LEU A 906 6.05 20.14 2.13
CA LEU A 906 6.79 21.16 1.40
C LEU A 906 7.35 20.56 0.11
N LEU A 907 7.72 19.27 0.15
CA LEU A 907 8.26 18.63 -1.04
C LEU A 907 7.19 18.43 -2.09
N GLN A 908 5.95 18.22 -1.67
CA GLN A 908 4.87 18.15 -2.64
C GLN A 908 4.57 19.52 -3.20
N PHE A 909 5.06 20.58 -2.57
CA PHE A 909 5.02 21.88 -3.22
C PHE A 909 6.29 22.14 -4.01
N MET A 910 7.43 21.60 -3.58
CA MET A 910 8.64 21.88 -4.33
C MET A 910 8.71 21.01 -5.58
N PHE A 911 8.27 19.76 -5.47
CA PHE A 911 8.21 18.93 -6.67
C PHE A 911 6.94 19.17 -7.47
N ALA A 912 6.02 19.99 -6.97
CA ALA A 912 5.00 20.49 -7.87
C ALA A 912 5.58 21.53 -8.78
N CYS A 913 6.32 22.48 -8.22
CA CYS A 913 6.89 23.58 -8.99
C CYS A 913 8.02 23.15 -9.91
N ILE A 914 8.72 22.07 -9.60
CA ILE A 914 9.62 21.54 -10.62
C ILE A 914 8.83 20.63 -11.54
N GLY A 915 7.70 20.11 -11.07
CA GLY A 915 6.88 19.26 -11.92
C GLY A 915 6.09 20.06 -12.93
N VAL A 916 5.57 21.22 -12.52
CA VAL A 916 4.91 22.12 -13.46
C VAL A 916 5.88 22.54 -14.54
N GLN A 917 7.03 23.03 -14.13
CA GLN A 917 8.06 23.66 -14.96
C GLN A 917 8.50 22.79 -16.11
N LEU A 918 8.43 21.50 -15.92
CA LEU A 918 9.01 20.49 -16.77
C LEU A 918 7.95 19.78 -17.59
N PHE A 919 6.68 19.86 -17.18
CA PHE A 919 5.56 19.26 -17.88
C PHE A 919 4.41 20.23 -18.13
N LYS A 920 4.67 21.51 -18.35
CA LYS A 920 3.59 22.42 -18.73
C LYS A 920 3.08 22.10 -20.12
N GLY A 921 1.77 21.99 -20.26
CA GLY A 921 1.18 21.90 -21.58
C GLY A 921 1.33 20.57 -22.27
N LYS A 922 2.21 19.71 -21.78
CA LYS A 922 2.27 18.32 -22.19
C LYS A 922 1.08 17.58 -21.60
N PHE A 923 1.07 16.26 -21.78
CA PHE A 923 -0.03 15.40 -21.37
C PHE A 923 -1.31 15.85 -22.05
N PHE A 924 -1.19 16.26 -23.32
CA PHE A 924 -2.32 16.85 -24.02
C PHE A 924 -2.51 16.04 -25.27
N SER A 925 -3.26 14.96 -25.15
CA SER A 925 -3.14 13.90 -26.15
C SER A 925 -4.34 13.87 -27.07
N CYS A 926 -4.08 13.71 -28.36
CA CYS A 926 -5.11 13.59 -29.36
C CYS A 926 -5.62 12.18 -29.54
N ASN A 927 -6.87 12.05 -29.97
CA ASN A 927 -7.64 10.86 -29.71
C ASN A 927 -7.09 9.71 -30.54
N ASP A 928 -6.93 9.89 -31.86
CA ASP A 928 -6.21 8.93 -32.69
C ASP A 928 -4.75 9.32 -32.70
N LEU A 929 -3.87 8.38 -32.39
CA LEU A 929 -2.53 8.80 -32.01
C LEU A 929 -1.64 9.09 -33.21
N SER A 930 -2.11 9.92 -34.12
CA SER A 930 -1.41 10.14 -35.36
C SER A 930 -1.46 11.57 -35.85
N LYS A 931 -1.99 12.49 -35.03
CA LYS A 931 -2.23 13.83 -35.56
C LYS A 931 -1.48 14.95 -34.86
N MET A 932 -1.10 14.79 -33.60
CA MET A 932 0.00 15.54 -32.99
C MET A 932 -0.15 17.03 -32.77
N THR A 933 -1.21 17.71 -33.22
CA THR A 933 -1.31 19.13 -32.92
C THR A 933 -2.75 19.63 -32.94
N GLU A 934 -2.91 20.90 -32.59
CA GLU A 934 -4.22 21.40 -32.21
C GLU A 934 -5.22 21.32 -33.32
N GLU A 935 -5.01 22.12 -34.36
CA GLU A 935 -6.05 22.28 -35.35
C GLU A 935 -6.43 20.97 -35.99
N GLU A 936 -5.48 20.07 -36.18
CA GLU A 936 -5.78 18.93 -37.03
C GLU A 936 -6.17 17.68 -36.26
N CYS A 937 -6.60 17.83 -35.02
CA CYS A 937 -7.14 16.69 -34.28
C CYS A 937 -8.62 17.01 -34.19
N ARG A 938 -9.32 16.79 -35.30
CA ARG A 938 -10.69 17.23 -35.52
C ARG A 938 -11.26 16.42 -36.68
N GLY A 939 -12.57 16.27 -36.72
CA GLY A 939 -13.17 15.50 -37.78
C GLY A 939 -13.42 14.06 -37.37
N TYR A 940 -13.57 13.15 -38.33
CA TYR A 940 -13.86 11.76 -38.00
C TYR A 940 -12.73 10.82 -38.40
N TYR A 941 -12.56 9.71 -37.70
CA TYR A 941 -11.52 8.79 -38.08
C TYR A 941 -12.03 7.36 -38.03
N TYR A 942 -11.14 6.40 -38.17
CA TYR A 942 -11.52 4.99 -38.09
C TYR A 942 -10.98 4.36 -36.83
N VAL A 943 -11.84 3.68 -36.08
CA VAL A 943 -11.40 2.84 -34.99
C VAL A 943 -11.50 1.42 -35.48
N TYR A 944 -10.36 0.75 -35.66
CA TYR A 944 -10.36 -0.63 -36.09
C TYR A 944 -10.52 -1.50 -34.86
N LYS A 945 -11.53 -2.36 -34.88
CA LYS A 945 -11.71 -3.32 -33.80
C LYS A 945 -10.69 -4.43 -33.88
N ASP A 946 -10.82 -5.25 -32.83
CA ASP A 946 -9.94 -6.32 -32.40
C ASP A 946 -8.55 -6.08 -32.85
N GLY A 947 -8.30 -6.60 -34.03
CA GLY A 947 -7.02 -6.48 -34.68
C GLY A 947 -7.00 -6.25 -36.17
N ASP A 948 -8.10 -6.47 -36.87
CA ASP A 948 -7.98 -6.57 -38.32
C ASP A 948 -8.66 -5.41 -39.01
N PRO A 949 -8.17 -4.99 -40.17
CA PRO A 949 -8.73 -3.80 -40.84
C PRO A 949 -9.93 -4.08 -41.74
N THR A 950 -10.83 -4.92 -41.25
CA THR A 950 -12.10 -5.15 -41.91
C THR A 950 -13.27 -4.87 -40.98
N GLN A 951 -12.99 -4.27 -39.83
CA GLN A 951 -14.03 -3.96 -38.86
C GLN A 951 -13.95 -2.49 -38.45
N MET A 952 -13.94 -1.60 -39.44
CA MET A 952 -13.84 -0.18 -39.19
C MET A 952 -15.11 0.42 -38.61
N GLU A 953 -14.96 1.12 -37.50
CA GLU A 953 -16.00 1.93 -36.88
C GLU A 953 -15.55 3.36 -36.97
N LEU A 954 -16.49 4.29 -37.05
CA LEU A 954 -16.11 5.66 -37.29
C LEU A 954 -16.49 6.55 -36.11
N ARG A 955 -15.49 6.95 -35.34
CA ARG A 955 -15.74 7.85 -34.22
C ARG A 955 -15.17 9.21 -34.53
N PRO A 956 -15.57 10.21 -33.78
CA PRO A 956 -14.97 11.54 -33.94
C PRO A 956 -13.70 11.62 -33.12
N ARG A 957 -12.90 12.67 -33.36
CA ARG A 957 -11.72 12.82 -32.52
C ARG A 957 -11.62 14.23 -31.98
N GLN A 958 -11.09 14.32 -30.75
CA GLN A 958 -10.94 15.59 -30.06
C GLN A 958 -9.73 15.50 -29.16
N TRP A 959 -9.32 16.64 -28.60
CA TRP A 959 -8.30 16.60 -27.56
C TRP A 959 -8.79 15.95 -26.29
N ILE A 960 -8.13 14.94 -25.85
CA ILE A 960 -8.35 14.43 -24.51
C ILE A 960 -7.26 15.01 -23.63
N HIS A 961 -7.64 15.60 -22.50
CA HIS A 961 -6.69 16.21 -21.59
C HIS A 961 -6.56 15.28 -20.40
N ASN A 962 -5.35 14.86 -20.05
CA ASN A 962 -5.21 13.67 -19.24
C ASN A 962 -5.44 13.90 -17.76
N ASP A 963 -6.47 14.66 -17.41
CA ASP A 963 -7.24 14.57 -16.17
C ASP A 963 -6.49 14.79 -14.86
N PHE A 964 -5.17 14.64 -14.89
CA PHE A 964 -4.24 14.78 -13.79
C PHE A 964 -3.01 15.48 -14.33
N HIS A 965 -3.26 16.47 -15.16
CA HIS A 965 -2.21 17.19 -15.84
C HIS A 965 -1.41 18.04 -14.88
N PHE A 966 -0.27 18.54 -15.33
CA PHE A 966 0.54 19.44 -14.53
C PHE A 966 0.44 20.79 -15.21
N ASP A 967 -0.50 21.62 -14.77
CA ASP A 967 -0.72 22.91 -15.41
C ASP A 967 -0.55 24.03 -14.40
N ASN A 968 -1.25 23.91 -13.29
CA ASN A 968 -1.15 24.88 -12.22
C ASN A 968 -0.41 24.23 -11.07
N VAL A 969 0.15 25.04 -10.18
CA VAL A 969 0.80 24.48 -9.00
C VAL A 969 -0.23 23.84 -8.10
N LEU A 970 -1.43 24.40 -8.07
CA LEU A 970 -2.54 23.72 -7.41
C LEU A 970 -2.93 22.47 -8.19
N SER A 971 -2.97 22.57 -9.52
CA SER A 971 -3.41 21.42 -10.29
C SER A 971 -2.31 20.39 -10.45
N ALA A 972 -1.12 20.68 -9.96
CA ALA A 972 -0.08 19.66 -9.97
C ALA A 972 0.08 19.04 -8.61
N MET A 973 -0.43 19.69 -7.55
CA MET A 973 -0.44 19.01 -6.28
C MET A 973 -1.52 17.95 -6.24
N MET A 974 -2.53 18.08 -7.11
CA MET A 974 -3.53 17.03 -7.25
C MET A 974 -2.92 15.75 -7.75
N SER A 975 -2.22 15.83 -8.88
CA SER A 975 -1.69 14.65 -9.53
C SER A 975 -0.57 14.03 -8.72
N LEU A 976 0.24 14.87 -8.11
CA LEU A 976 1.37 14.36 -7.37
C LEU A 976 0.93 13.88 -6.00
N PHE A 977 -0.35 14.06 -5.67
CA PHE A 977 -0.92 13.44 -4.48
C PHE A 977 -1.30 11.98 -4.74
N THR A 978 -1.66 11.64 -5.99
CA THR A 978 -2.03 10.26 -6.25
C THR A 978 -0.82 9.38 -6.52
N VAL A 979 0.25 9.95 -7.11
CA VAL A 979 1.45 9.15 -7.19
C VAL A 979 2.14 9.06 -5.85
N SER A 980 1.77 9.92 -4.91
CA SER A 980 2.20 9.78 -3.54
C SER A 980 1.53 8.61 -2.84
N THR A 981 0.33 8.23 -3.26
CA THR A 981 -0.38 7.14 -2.59
C THR A 981 -0.21 5.81 -3.32
N PHE A 982 0.79 5.74 -4.21
CA PHE A 982 1.17 4.55 -4.98
C PHE A 982 0.04 4.02 -5.82
N GLU A 983 -0.84 4.90 -6.27
CA GLU A 983 -2.00 4.45 -7.04
C GLU A 983 -2.17 5.24 -8.32
N GLY A 984 -2.01 4.57 -9.45
CA GLY A 984 -2.19 5.24 -10.72
C GLY A 984 -0.98 5.97 -11.22
N TRP A 985 0.20 5.66 -10.71
CA TRP A 985 1.36 6.32 -11.29
C TRP A 985 1.87 5.74 -12.62
N PRO A 986 1.83 4.42 -12.78
CA PRO A 986 2.29 3.79 -14.03
C PRO A 986 1.65 4.45 -15.25
N GLN A 987 0.32 4.51 -15.28
CA GLN A 987 -0.40 5.12 -16.38
C GLN A 987 0.05 6.57 -16.58
N LEU A 988 0.23 7.28 -15.47
CA LEU A 988 0.67 8.67 -15.52
C LEU A 988 2.16 8.75 -15.80
N LEU A 989 2.94 7.87 -15.19
CA LEU A 989 4.39 7.86 -15.39
C LEU A 989 4.74 7.59 -16.84
N TYR A 990 4.07 6.60 -17.43
CA TYR A 990 4.30 6.22 -18.83
C TYR A 990 3.80 7.24 -19.82
N ARG A 991 3.03 8.18 -19.33
CA ARG A 991 2.61 9.35 -20.09
C ARG A 991 3.69 10.43 -20.06
N ALA A 992 4.30 10.62 -18.90
CA ALA A 992 5.35 11.61 -18.74
C ALA A 992 6.58 11.25 -19.54
N ILE A 993 6.84 9.95 -19.72
CA ILE A 993 7.83 9.53 -20.69
C ILE A 993 7.44 9.98 -22.09
N ASP A 994 6.24 9.67 -22.56
CA ASP A 994 5.86 9.88 -23.96
C ASP A 994 5.72 11.33 -24.38
N SER A 995 5.99 12.31 -23.54
CA SER A 995 5.64 13.68 -23.90
C SER A 995 6.74 14.36 -24.72
N ASN A 996 6.34 15.33 -25.54
CA ASN A 996 7.27 16.25 -26.20
C ASN A 996 6.73 17.67 -26.15
N GLU A 997 7.21 18.52 -27.04
CA GLU A 997 7.04 19.99 -26.99
C GLU A 997 5.62 20.50 -26.84
N GLU A 998 5.48 21.78 -26.50
CA GLU A 998 4.37 22.39 -25.76
C GLU A 998 2.96 21.92 -26.06
N ASP A 999 2.45 22.12 -27.26
CA ASP A 999 1.12 21.62 -27.58
C ASP A 999 1.26 20.61 -28.69
N MET A 1000 1.64 19.40 -28.31
CA MET A 1000 1.90 18.34 -29.25
C MET A 1000 1.53 17.04 -28.58
N GLY A 1001 1.05 16.10 -29.38
CA GLY A 1001 0.71 14.79 -28.88
C GLY A 1001 1.94 13.99 -28.56
N PRO A 1002 1.72 12.82 -27.98
CA PRO A 1002 2.84 12.02 -27.51
C PRO A 1002 3.57 11.28 -28.61
N VAL A 1003 4.89 11.27 -28.50
CA VAL A 1003 5.76 10.42 -29.31
C VAL A 1003 6.06 9.22 -28.44
N TYR A 1004 6.28 8.05 -29.06
CA TYR A 1004 6.10 6.78 -28.37
C TYR A 1004 7.03 6.56 -27.18
N ASN A 1005 8.34 6.62 -27.39
CA ASN A 1005 9.21 6.34 -26.26
C ASN A 1005 10.28 7.40 -26.16
N ASN A 1006 9.93 8.63 -26.54
CA ASN A 1006 10.71 9.82 -26.28
C ASN A 1006 11.11 9.90 -24.81
N ARG A 1007 12.36 10.27 -24.57
CA ARG A 1007 12.94 10.72 -23.30
C ARG A 1007 12.54 9.93 -22.05
N VAL A 1008 13.02 8.68 -21.95
CA VAL A 1008 12.85 7.88 -20.74
C VAL A 1008 13.58 8.49 -19.55
N GLU A 1009 14.46 9.47 -19.77
CA GLU A 1009 15.16 10.19 -18.71
C GLU A 1009 14.24 10.93 -17.77
N MET A 1010 12.99 11.24 -18.18
CA MET A 1010 11.99 11.82 -17.30
C MET A 1010 11.24 10.78 -16.51
N ALA A 1011 11.80 9.60 -16.33
CA ALA A 1011 11.26 8.66 -15.37
C ALA A 1011 12.03 8.71 -14.09
N ILE A 1012 13.05 9.56 -14.04
CA ILE A 1012 13.88 9.70 -12.84
C ILE A 1012 13.23 10.64 -11.83
N PHE A 1013 12.29 11.45 -12.31
CA PHE A 1013 11.58 12.40 -11.48
C PHE A 1013 10.67 11.56 -10.60
N PHE A 1014 9.89 10.70 -11.23
CA PHE A 1014 8.83 9.94 -10.56
C PHE A 1014 9.41 8.84 -9.68
N ILE A 1015 10.72 8.63 -9.79
CA ILE A 1015 11.40 7.60 -9.01
C ILE A 1015 12.01 8.20 -7.74
N ILE A 1016 12.80 9.24 -7.91
CA ILE A 1016 13.45 9.91 -6.78
C ILE A 1016 12.41 10.47 -5.80
N TYR A 1017 11.36 11.06 -6.35
CA TYR A 1017 10.29 11.64 -5.53
C TYR A 1017 9.50 10.53 -4.83
N ILE A 1018 9.17 9.48 -5.58
CA ILE A 1018 8.45 8.35 -5.04
C ILE A 1018 9.25 7.68 -3.93
N ILE A 1019 10.55 7.57 -4.13
CA ILE A 1019 11.44 6.97 -3.14
C ILE A 1019 11.57 7.86 -1.91
N LEU A 1020 11.63 9.17 -2.15
CA LEU A 1020 11.74 10.14 -1.06
C LEU A 1020 10.49 10.11 -0.19
N ILE A 1021 9.33 10.29 -0.81
CA ILE A 1021 8.07 10.27 -0.08
C ILE A 1021 7.86 8.94 0.61
N ALA A 1022 8.38 7.86 0.03
CA ALA A 1022 8.39 6.60 0.73
C ALA A 1022 9.28 6.63 1.97
N PHE A 1023 10.27 7.51 2.00
CA PHE A 1023 11.17 7.62 3.12
C PHE A 1023 10.66 8.58 4.18
N PHE A 1024 9.83 9.56 3.79
CA PHE A 1024 9.24 10.41 4.80
C PHE A 1024 7.92 9.84 5.29
N MET A 1025 7.29 8.97 4.52
CA MET A 1025 6.11 8.29 5.03
C MET A 1025 6.51 7.22 6.04
N MET A 1026 7.72 6.69 5.89
CA MET A 1026 8.18 5.65 6.79
C MET A 1026 8.72 6.25 8.09
N ASN A 1027 9.31 7.45 8.03
CA ASN A 1027 9.79 8.10 9.24
C ASN A 1027 8.65 8.60 10.11
N ILE A 1028 7.50 8.88 9.50
CA ILE A 1028 6.32 9.20 10.30
C ILE A 1028 5.86 7.97 11.06
N PHE A 1029 5.71 6.88 10.31
CA PHE A 1029 5.24 5.61 10.85
C PHE A 1029 6.11 5.17 12.02
N VAL A 1030 7.42 5.31 11.88
CA VAL A 1030 8.30 4.93 12.98
C VAL A 1030 8.04 5.81 14.19
N GLY A 1031 7.68 7.07 13.96
CA GLY A 1031 7.32 8.00 15.02
C GLY A 1031 6.15 7.55 15.86
N PHE A 1032 5.04 7.15 15.22
CA PHE A 1032 3.88 6.64 15.97
C PHE A 1032 4.18 5.35 16.71
N VAL A 1033 5.24 4.64 16.33
CA VAL A 1033 5.59 3.43 17.06
C VAL A 1033 6.41 3.76 18.29
N ILE A 1034 7.47 4.54 18.12
CA ILE A 1034 8.40 4.86 19.21
C ILE A 1034 7.70 5.65 20.31
N VAL A 1035 6.75 6.51 19.93
CA VAL A 1035 6.02 7.29 20.91
C VAL A 1035 5.16 6.40 21.79
N THR A 1036 4.51 5.39 21.19
CA THR A 1036 3.59 4.59 21.98
C THR A 1036 4.32 3.61 22.90
N PHE A 1037 5.45 3.08 22.46
CA PHE A 1037 6.27 2.27 23.37
C PHE A 1037 6.84 3.08 24.52
N GLN A 1038 7.00 4.40 24.39
CA GLN A 1038 7.21 5.23 25.55
C GLN A 1038 5.94 5.34 26.39
N GLU A 1039 4.80 5.52 25.73
CA GLU A 1039 3.57 5.87 26.44
C GLU A 1039 2.94 4.66 27.13
N GLN A 1040 3.30 3.46 26.70
CA GLN A 1040 2.84 2.29 27.44
C GLN A 1040 3.72 2.07 28.65
N GLY A 1041 5.02 2.32 28.51
CA GLY A 1041 5.93 2.14 29.63
C GLY A 1041 5.81 3.23 30.68
N GLU A 1042 5.09 4.31 30.36
CA GLU A 1042 4.76 5.33 31.34
C GLU A 1042 3.93 4.76 32.48
N THR A 1043 3.11 3.75 32.19
CA THR A 1043 2.38 3.06 33.25
C THR A 1043 3.30 2.19 34.11
N GLU A 1044 4.40 1.69 33.53
CA GLU A 1044 5.33 0.88 34.32
C GLU A 1044 6.56 1.66 34.77
N TYR A 1045 6.52 2.99 34.78
CA TYR A 1045 7.57 3.76 35.44
C TYR A 1045 7.41 3.68 36.94
N LYS A 1046 6.18 3.41 37.40
CA LYS A 1046 5.92 3.03 38.78
C LYS A 1046 6.45 1.62 38.92
N ASN A 1047 7.75 1.48 39.25
CA ASN A 1047 8.32 0.15 39.17
C ASN A 1047 8.72 -0.39 40.54
N CYS A 1048 9.78 0.18 41.13
CA CYS A 1048 10.50 -0.29 42.31
C CYS A 1048 10.59 -1.82 42.42
N GLU A 1049 10.87 -2.49 41.29
CA GLU A 1049 10.69 -3.94 41.17
C GLU A 1049 11.79 -4.43 40.23
N LEU A 1050 11.95 -5.75 40.10
CA LEU A 1050 13.04 -6.29 39.31
C LEU A 1050 12.84 -6.11 37.81
N ASP A 1051 11.83 -6.73 37.20
CA ASP A 1051 11.71 -6.70 35.75
C ASP A 1051 10.27 -7.05 35.33
N LYS A 1052 9.97 -6.87 34.05
CA LYS A 1052 8.71 -7.27 33.40
C LYS A 1052 8.47 -8.77 33.47
N ASN A 1053 9.48 -9.56 33.10
CA ASN A 1053 9.41 -11.01 33.26
C ASN A 1053 9.32 -11.37 34.74
N GLN A 1054 10.06 -10.64 35.56
CA GLN A 1054 9.97 -10.76 37.00
C GLN A 1054 8.67 -10.22 37.56
N ARG A 1055 7.94 -9.42 36.78
CA ARG A 1055 6.62 -8.99 37.20
C ARG A 1055 5.53 -9.98 36.87
N GLN A 1056 5.56 -10.56 35.67
CA GLN A 1056 4.48 -11.46 35.28
C GLN A 1056 4.55 -12.78 36.01
N CYS A 1057 5.76 -13.29 36.26
CA CYS A 1057 5.89 -14.63 36.84
C CYS A 1057 5.51 -14.63 38.32
N VAL A 1058 5.55 -13.47 38.97
CA VAL A 1058 4.95 -13.34 40.29
C VAL A 1058 3.44 -13.43 40.17
N GLN A 1059 2.88 -12.72 39.18
CA GLN A 1059 1.44 -12.76 38.96
C GLN A 1059 1.02 -14.08 38.34
N TYR A 1060 1.97 -14.85 37.82
CA TYR A 1060 1.67 -16.22 37.40
C TYR A 1060 1.68 -17.16 38.58
N ALA A 1061 2.45 -16.84 39.62
CA ALA A 1061 2.47 -17.74 40.76
C ALA A 1061 1.39 -17.39 41.76
N LEU A 1062 1.17 -16.10 41.99
CA LEU A 1062 0.24 -15.62 43.00
C LEU A 1062 -1.20 -15.90 42.62
N LYS A 1063 -1.47 -16.06 41.33
CA LYS A 1063 -2.87 -16.09 40.91
C LYS A 1063 -3.29 -17.49 40.44
N ALA A 1064 -2.35 -18.30 39.95
CA ALA A 1064 -2.71 -19.55 39.29
C ALA A 1064 -3.29 -20.60 40.22
N ARG A 1065 -3.92 -21.61 39.64
CA ARG A 1065 -4.50 -22.69 40.43
C ARG A 1065 -4.35 -24.00 39.67
N PRO A 1066 -4.54 -25.13 40.35
CA PRO A 1066 -4.36 -26.42 39.67
C PRO A 1066 -5.31 -26.65 38.50
N LEU A 1067 -5.17 -27.82 37.87
CA LEU A 1067 -5.84 -28.10 36.61
C LEU A 1067 -6.90 -29.17 36.87
N ARG A 1068 -7.75 -29.43 35.88
CA ARG A 1068 -8.90 -30.30 36.08
C ARG A 1068 -8.51 -31.71 36.50
N CYS A 1069 -8.02 -32.48 35.53
CA CYS A 1069 -7.69 -33.90 35.69
C CYS A 1069 -8.88 -34.78 36.06
N TYR A 1070 -9.76 -34.95 35.07
CA TYR A 1070 -11.08 -35.57 35.22
C TYR A 1070 -11.02 -37.07 34.93
N ILE A 1071 -10.20 -37.73 35.72
CA ILE A 1071 -9.97 -39.18 35.65
C ILE A 1071 -11.18 -40.04 36.03
N PRO A 1072 -11.53 -41.07 35.23
CA PRO A 1072 -12.76 -41.83 35.51
C PRO A 1072 -12.57 -43.11 36.33
N LYS A 1073 -13.70 -43.65 36.81
CA LYS A 1073 -13.86 -44.97 37.43
C LYS A 1073 -14.37 -45.93 36.33
N ASN A 1074 -14.90 -47.14 36.68
CA ASN A 1074 -15.53 -48.13 35.78
C ASN A 1074 -14.59 -48.68 34.72
N PRO A 1075 -13.75 -49.70 35.06
CA PRO A 1075 -12.71 -50.19 34.13
C PRO A 1075 -13.16 -50.68 32.75
N TYR A 1076 -14.45 -50.84 32.52
CA TYR A 1076 -14.94 -50.90 31.14
C TYR A 1076 -14.70 -49.57 30.45
N GLN A 1077 -15.10 -48.48 31.10
CA GLN A 1077 -14.95 -47.15 30.51
C GLN A 1077 -13.49 -46.70 30.58
N TYR A 1078 -12.75 -47.17 31.59
CA TYR A 1078 -11.39 -46.69 31.80
C TYR A 1078 -10.45 -47.17 30.71
N GLN A 1079 -10.74 -48.33 30.12
CA GLN A 1079 -9.95 -48.79 28.98
C GLN A 1079 -10.20 -47.90 27.77
N VAL A 1080 -11.43 -47.36 27.64
CA VAL A 1080 -11.75 -46.50 26.52
C VAL A 1080 -11.03 -45.17 26.64
N TRP A 1081 -11.03 -44.58 27.83
CA TRP A 1081 -10.27 -43.36 28.07
C TRP A 1081 -8.77 -43.60 27.92
N TYR A 1082 -8.30 -44.81 28.22
CA TYR A 1082 -6.88 -45.16 28.12
C TYR A 1082 -6.39 -45.12 26.69
N VAL A 1083 -7.31 -45.18 25.72
CA VAL A 1083 -6.98 -45.01 24.31
C VAL A 1083 -7.08 -43.56 23.90
N VAL A 1084 -8.13 -42.86 24.35
CA VAL A 1084 -8.52 -41.60 23.72
C VAL A 1084 -7.52 -40.50 24.01
N THR A 1085 -7.08 -40.38 25.25
CA THR A 1085 -6.14 -39.32 25.57
C THR A 1085 -4.71 -39.64 25.13
N SER A 1086 -4.46 -40.83 24.58
CA SER A 1086 -3.11 -41.23 24.22
C SER A 1086 -2.67 -40.59 22.92
N SER A 1087 -1.48 -40.98 22.46
CA SER A 1087 -1.01 -40.53 21.16
C SER A 1087 -1.46 -41.46 20.04
N TYR A 1088 -2.26 -42.47 20.36
CA TYR A 1088 -2.86 -43.27 19.31
C TYR A 1088 -3.91 -42.47 18.56
N PHE A 1089 -4.92 -42.01 19.26
CA PHE A 1089 -5.96 -41.17 18.68
C PHE A 1089 -5.42 -39.79 18.29
N GLU A 1090 -4.42 -39.31 19.04
CA GLU A 1090 -3.84 -38.01 18.76
C GLU A 1090 -3.19 -37.97 17.39
N TYR A 1091 -2.42 -39.00 17.07
CA TYR A 1091 -1.73 -39.10 15.79
C TYR A 1091 -2.63 -39.65 14.67
N LEU A 1092 -3.77 -40.25 15.01
CA LEU A 1092 -4.61 -40.82 13.98
C LEU A 1092 -5.64 -39.82 13.50
N MET A 1093 -6.26 -39.08 14.42
CA MET A 1093 -7.28 -38.13 14.00
C MET A 1093 -6.64 -36.88 13.43
N PHE A 1094 -5.38 -36.62 13.76
CA PHE A 1094 -4.59 -35.64 13.03
C PHE A 1094 -4.31 -36.12 11.62
N ALA A 1095 -4.16 -37.44 11.46
CA ALA A 1095 -3.79 -37.98 10.16
C ALA A 1095 -4.94 -37.93 9.18
N LEU A 1096 -6.15 -38.26 9.64
CA LEU A 1096 -7.26 -38.39 8.72
C LEU A 1096 -7.82 -37.04 8.30
N ILE A 1097 -7.42 -35.97 8.98
CA ILE A 1097 -7.70 -34.63 8.46
C ILE A 1097 -6.83 -34.35 7.25
N MET A 1098 -5.58 -34.81 7.30
CA MET A 1098 -4.64 -34.55 6.21
C MET A 1098 -5.05 -35.29 4.94
N LEU A 1099 -5.63 -36.47 5.08
CA LEU A 1099 -6.20 -37.14 3.92
C LEU A 1099 -7.49 -36.46 3.50
N ASN A 1100 -8.20 -35.87 4.46
CA ASN A 1100 -9.40 -35.11 4.15
C ASN A 1100 -9.04 -33.78 3.53
N THR A 1101 -7.80 -33.30 3.75
CA THR A 1101 -7.35 -32.09 3.09
C THR A 1101 -7.18 -32.34 1.59
N ILE A 1102 -6.44 -33.38 1.23
CA ILE A 1102 -6.11 -33.65 -0.15
C ILE A 1102 -7.32 -34.16 -0.93
N CYS A 1103 -8.26 -34.79 -0.22
CA CYS A 1103 -9.54 -35.13 -0.82
C CYS A 1103 -10.31 -33.88 -1.24
N LEU A 1104 -10.15 -32.80 -0.48
CA LEU A 1104 -10.66 -31.51 -0.91
C LEU A 1104 -9.67 -30.76 -1.77
N GLY A 1105 -8.40 -31.17 -1.74
CA GLY A 1105 -7.39 -30.51 -2.51
C GLY A 1105 -7.55 -30.71 -4.00
N MET A 1106 -7.89 -31.94 -4.42
CA MET A 1106 -7.91 -32.26 -5.84
C MET A 1106 -8.98 -31.50 -6.59
N GLN A 1107 -10.24 -31.95 -6.46
CA GLN A 1107 -11.49 -31.29 -6.83
C GLN A 1107 -11.47 -30.35 -8.03
N HIS A 1108 -10.83 -30.75 -9.11
CA HIS A 1108 -10.69 -29.84 -10.24
C HIS A 1108 -11.94 -29.84 -11.10
N TYR A 1109 -11.87 -29.25 -12.29
CA TYR A 1109 -13.06 -29.03 -13.09
C TYR A 1109 -12.94 -29.79 -14.40
N HIS A 1110 -14.12 -30.16 -14.94
CA HIS A 1110 -14.31 -31.22 -15.93
C HIS A 1110 -13.66 -32.50 -15.44
N GLN A 1111 -13.83 -32.81 -14.16
CA GLN A 1111 -13.37 -34.08 -13.65
C GLN A 1111 -14.23 -35.22 -14.16
N SER A 1112 -13.70 -36.44 -14.11
CA SER A 1112 -14.37 -37.60 -14.66
C SER A 1112 -15.51 -38.03 -13.75
N GLU A 1113 -16.35 -38.92 -14.27
CA GLU A 1113 -17.45 -39.42 -13.47
C GLU A 1113 -17.01 -40.52 -12.52
N GLU A 1114 -15.90 -41.20 -12.85
CA GLU A 1114 -15.33 -42.15 -11.88
C GLU A 1114 -14.74 -41.42 -10.69
N MET A 1115 -14.23 -40.21 -10.91
CA MET A 1115 -13.69 -39.43 -9.80
C MET A 1115 -14.82 -38.80 -8.99
N ASN A 1116 -15.94 -38.48 -9.64
CA ASN A 1116 -17.11 -37.99 -8.90
C ASN A 1116 -17.68 -39.07 -8.01
N HIS A 1117 -17.58 -40.34 -8.44
CA HIS A 1117 -18.07 -41.42 -7.60
C HIS A 1117 -17.16 -41.65 -6.40
N ILE A 1118 -15.86 -41.38 -6.53
CA ILE A 1118 -14.96 -41.69 -5.44
C ILE A 1118 -15.05 -40.63 -4.34
N SER A 1119 -15.06 -39.36 -4.73
CA SER A 1119 -15.09 -38.30 -3.72
C SER A 1119 -16.45 -38.20 -3.05
N ASP A 1120 -17.50 -38.73 -3.68
CA ASP A 1120 -18.77 -38.86 -2.99
C ASP A 1120 -18.72 -39.97 -1.95
N ILE A 1121 -17.90 -41.01 -2.20
CA ILE A 1121 -17.68 -42.00 -1.16
C ILE A 1121 -16.81 -41.43 -0.06
N LEU A 1122 -15.71 -40.78 -0.47
CA LEU A 1122 -14.79 -40.17 0.48
C LEU A 1122 -15.54 -39.37 1.53
N ASN A 1123 -16.31 -38.39 1.09
CA ASN A 1123 -17.09 -37.55 1.99
C ASN A 1123 -17.88 -38.38 2.99
N VAL A 1124 -18.42 -39.50 2.54
CA VAL A 1124 -19.19 -40.39 3.40
C VAL A 1124 -18.27 -41.11 4.38
N ALA A 1125 -17.06 -41.43 3.93
CA ALA A 1125 -16.08 -42.12 4.78
C ALA A 1125 -15.56 -41.21 5.88
N PHE A 1126 -15.29 -39.95 5.55
CA PHE A 1126 -14.66 -39.06 6.51
C PHE A 1126 -15.65 -38.53 7.53
N THR A 1127 -16.95 -38.57 7.21
CA THR A 1127 -17.93 -38.22 8.22
C THR A 1127 -18.08 -39.33 9.25
N ILE A 1128 -18.07 -40.58 8.79
CA ILE A 1128 -18.28 -41.71 9.70
C ILE A 1128 -17.12 -41.86 10.66
N ILE A 1129 -15.91 -41.52 10.22
CA ILE A 1129 -14.76 -41.55 11.11
C ILE A 1129 -14.86 -40.42 12.13
N PHE A 1130 -15.20 -39.21 11.68
CA PHE A 1130 -15.22 -38.07 12.59
C PHE A 1130 -16.42 -38.14 13.52
N THR A 1131 -17.50 -38.78 13.10
CA THR A 1131 -18.57 -38.99 14.05
C THR A 1131 -18.25 -40.16 14.96
N LEU A 1132 -17.30 -41.01 14.57
CA LEU A 1132 -16.83 -42.03 15.49
C LEU A 1132 -15.84 -41.46 16.48
N GLU A 1133 -15.29 -40.28 16.19
CA GLU A 1133 -14.52 -39.55 17.20
C GLU A 1133 -15.42 -39.08 18.33
N MET A 1134 -16.54 -38.46 18.00
CA MET A 1134 -17.38 -37.87 19.02
C MET A 1134 -18.24 -38.92 19.72
N ILE A 1135 -18.27 -40.15 19.19
CA ILE A 1135 -18.94 -41.23 19.91
C ILE A 1135 -18.01 -41.78 20.98
N LEU A 1136 -16.76 -42.05 20.62
CA LEU A 1136 -15.81 -42.60 21.56
C LEU A 1136 -15.46 -41.61 22.65
N LYS A 1137 -15.32 -40.33 22.30
CA LYS A 1137 -14.97 -39.35 23.30
C LYS A 1137 -16.13 -39.10 24.25
N LEU A 1138 -17.37 -39.15 23.74
CA LEU A 1138 -18.49 -38.88 24.61
C LEU A 1138 -18.78 -40.06 25.52
N LEU A 1139 -18.47 -41.27 25.08
CA LEU A 1139 -18.54 -42.43 25.96
C LEU A 1139 -17.33 -42.54 26.86
N ALA A 1140 -16.31 -41.71 26.64
CA ALA A 1140 -15.18 -41.66 27.54
C ALA A 1140 -15.32 -40.49 28.49
N PHE A 1141 -15.60 -39.31 27.95
CA PHE A 1141 -15.46 -38.10 28.74
C PHE A 1141 -16.65 -37.85 29.65
N LYS A 1142 -17.77 -38.55 29.48
CA LYS A 1142 -18.92 -38.50 30.37
C LYS A 1142 -19.47 -37.08 30.45
N ALA A 1143 -20.25 -36.77 29.40
CA ALA A 1143 -20.76 -35.46 29.05
C ALA A 1143 -20.34 -34.17 29.72
N ARG A 1144 -20.26 -34.25 31.04
CA ARG A 1144 -19.72 -33.19 31.90
C ARG A 1144 -18.51 -32.64 31.16
N GLY A 1145 -17.48 -33.47 31.01
CA GLY A 1145 -16.16 -32.98 30.60
C GLY A 1145 -16.06 -32.74 29.10
N TYR A 1146 -16.90 -33.40 28.31
CA TYR A 1146 -16.76 -33.29 26.87
C TYR A 1146 -17.16 -31.94 26.34
N PHE A 1147 -18.16 -31.28 26.92
CA PHE A 1147 -18.53 -29.93 26.52
C PHE A 1147 -17.60 -28.87 27.10
N GLY A 1148 -16.70 -29.27 27.99
CA GLY A 1148 -15.89 -28.34 28.75
C GLY A 1148 -14.95 -27.56 27.87
N ASP A 1149 -14.08 -28.24 27.14
CA ASP A 1149 -13.22 -27.55 26.18
C ASP A 1149 -14.06 -27.05 25.01
N PRO A 1150 -13.74 -25.89 24.47
CA PRO A 1150 -14.51 -25.39 23.31
C PRO A 1150 -14.17 -26.11 22.03
N TRP A 1151 -13.02 -26.79 21.94
CA TRP A 1151 -12.65 -27.44 20.70
C TRP A 1151 -13.55 -28.63 20.43
N ASN A 1152 -14.00 -29.30 21.48
CA ASN A 1152 -14.91 -30.41 21.30
C ASN A 1152 -16.29 -29.91 20.91
N VAL A 1153 -16.67 -28.73 21.43
CA VAL A 1153 -17.95 -28.14 21.06
C VAL A 1153 -17.89 -27.65 19.62
N PHE A 1154 -16.71 -27.25 19.17
CA PHE A 1154 -16.56 -26.88 17.77
C PHE A 1154 -16.58 -28.10 16.86
N ASP A 1155 -16.19 -29.26 17.37
CA ASP A 1155 -16.28 -30.48 16.55
C ASP A 1155 -17.73 -30.88 16.37
N PHE A 1156 -18.53 -30.68 17.40
CA PHE A 1156 -19.95 -31.00 17.35
C PHE A 1156 -20.68 -30.12 16.35
N LEU A 1157 -20.14 -28.93 16.10
CA LEU A 1157 -20.70 -28.05 15.08
C LEU A 1157 -20.34 -28.54 13.69
N ILE A 1158 -19.14 -29.09 13.53
CA ILE A 1158 -18.69 -29.56 12.22
C ILE A 1158 -19.37 -30.87 11.85
N VAL A 1159 -19.49 -31.79 12.81
CA VAL A 1159 -20.00 -33.13 12.53
C VAL A 1159 -21.43 -33.08 12.04
N ILE A 1160 -22.28 -32.32 12.74
CA ILE A 1160 -23.68 -32.25 12.36
C ILE A 1160 -23.85 -31.52 11.04
N GLY A 1161 -23.03 -30.52 10.78
CA GLY A 1161 -23.08 -29.84 9.49
C GLY A 1161 -22.59 -30.71 8.36
N SER A 1162 -21.80 -31.74 8.68
CA SER A 1162 -21.38 -32.69 7.66
C SER A 1162 -22.45 -33.74 7.43
N ILE A 1163 -23.06 -34.23 8.51
CA ILE A 1163 -24.11 -35.25 8.41
C ILE A 1163 -25.31 -34.68 7.66
N ILE A 1164 -25.63 -33.42 7.91
CA ILE A 1164 -26.72 -32.78 7.18
C ILE A 1164 -26.24 -32.36 5.79
N ASP A 1165 -24.94 -32.50 5.50
CA ASP A 1165 -24.47 -32.28 4.14
C ASP A 1165 -24.46 -33.56 3.33
N VAL A 1166 -24.22 -34.69 3.99
CA VAL A 1166 -24.32 -35.99 3.33
C VAL A 1166 -25.77 -36.27 2.96
N ILE A 1167 -26.66 -36.07 3.93
CA ILE A 1167 -28.08 -36.38 3.76
C ILE A 1167 -28.71 -35.50 2.70
N LEU A 1168 -28.31 -34.23 2.66
CA LEU A 1168 -28.94 -33.29 1.73
C LEU A 1168 -28.46 -33.56 0.31
N SER A 1169 -27.29 -34.17 0.16
CA SER A 1169 -26.82 -34.49 -1.19
C SER A 1169 -27.50 -35.75 -1.71
N GLU A 1170 -27.70 -36.75 -0.86
CA GLU A 1170 -28.22 -38.02 -1.37
C GLU A 1170 -29.74 -38.02 -1.45
N ILE A 1171 -30.41 -37.14 -0.71
CA ILE A 1171 -31.84 -36.96 -0.92
C ILE A 1171 -32.12 -36.36 -2.28
N ASP A 1172 -31.21 -35.49 -2.71
CA ASP A 1172 -31.26 -34.94 -4.06
C ASP A 1172 -31.11 -36.04 -5.13
N THR A 1173 -30.38 -37.11 -4.82
CA THR A 1173 -30.18 -38.16 -5.81
C THR A 1173 -31.43 -39.01 -6.01
N PHE A 1174 -32.42 -38.88 -5.13
CA PHE A 1174 -33.74 -39.44 -5.43
C PHE A 1174 -34.37 -38.62 -6.54
N ARG A 1198 -31.37 -28.05 -6.00
CA ARG A 1198 -30.30 -28.63 -5.20
C ARG A 1198 -29.09 -27.71 -5.14
N ILE A 1199 -29.26 -26.48 -5.63
CA ILE A 1199 -28.19 -25.51 -5.64
C ILE A 1199 -27.94 -25.02 -4.21
N SER A 1200 -28.95 -25.17 -3.34
CA SER A 1200 -28.92 -24.56 -2.02
C SER A 1200 -27.93 -25.24 -1.07
N SER A 1201 -27.40 -26.40 -1.46
CA SER A 1201 -26.46 -27.11 -0.59
C SER A 1201 -25.09 -26.45 -0.54
N ALA A 1202 -24.91 -25.31 -1.22
CA ALA A 1202 -23.59 -24.71 -1.35
C ALA A 1202 -23.09 -24.10 -0.05
N PHE A 1203 -23.98 -23.88 0.92
CA PHE A 1203 -23.52 -23.41 2.22
C PHE A 1203 -23.08 -24.56 3.09
N PHE A 1204 -23.73 -25.71 2.92
CA PHE A 1204 -23.49 -26.84 3.80
C PHE A 1204 -22.15 -27.46 3.50
N ARG A 1205 -21.64 -27.16 2.31
CA ARG A 1205 -20.34 -27.67 1.89
C ARG A 1205 -19.23 -26.99 2.68
N LEU A 1206 -19.46 -25.76 3.09
CA LEU A 1206 -18.47 -25.04 3.88
C LEU A 1206 -18.10 -25.79 5.14
N PHE A 1207 -19.06 -26.52 5.69
CA PHE A 1207 -18.83 -27.31 6.90
C PHE A 1207 -17.80 -28.40 6.64
N ARG A 1208 -17.73 -28.85 5.40
CA ARG A 1208 -16.77 -29.89 5.02
C ARG A 1208 -15.37 -29.31 5.09
N VAL A 1209 -15.26 -28.01 4.86
CA VAL A 1209 -13.96 -27.35 4.79
C VAL A 1209 -13.40 -27.08 6.18
N MET A 1210 -14.28 -26.79 7.15
CA MET A 1210 -13.88 -26.30 8.46
C MET A 1210 -13.08 -27.32 9.28
N ARG A 1211 -12.99 -28.56 8.81
CA ARG A 1211 -12.16 -29.58 9.44
C ARG A 1211 -10.69 -29.22 9.44
N LEU A 1212 -10.26 -28.37 8.51
CA LEU A 1212 -8.88 -27.92 8.48
C LEU A 1212 -8.54 -27.07 9.68
N ILE A 1213 -9.54 -26.48 10.33
CA ILE A 1213 -9.29 -25.66 11.50
C ILE A 1213 -9.07 -26.55 12.72
N LYS A 1214 -9.32 -27.85 12.59
CA LYS A 1214 -8.94 -28.76 13.67
C LYS A 1214 -7.42 -28.96 13.70
N LEU A 1215 -6.74 -28.56 12.63
CA LEU A 1215 -5.31 -28.80 12.50
C LEU A 1215 -4.63 -27.93 13.55
N LEU A 1216 -4.96 -26.64 13.55
CA LEU A 1216 -4.29 -25.67 14.40
C LEU A 1216 -4.52 -25.96 15.88
N SER A 1217 -5.42 -26.91 16.15
CA SER A 1217 -5.74 -27.30 17.52
C SER A 1217 -4.50 -27.88 18.22
N ARG A 1218 -3.75 -28.70 17.51
CA ARG A 1218 -2.55 -29.32 18.06
C ARG A 1218 -1.33 -28.44 17.85
N ALA A 1219 -1.44 -27.50 16.91
CA ALA A 1219 -0.34 -26.59 16.61
C ALA A 1219 -0.20 -25.55 17.71
N GLU A 1220 0.54 -25.91 18.76
CA GLU A 1220 0.56 -25.15 20.00
C GLU A 1220 1.20 -23.78 19.83
N GLY A 1221 2.13 -23.64 18.91
CA GLY A 1221 2.76 -22.35 18.73
C GLY A 1221 1.94 -21.34 17.97
N VAL A 1222 0.82 -21.74 17.37
CA VAL A 1222 0.00 -20.85 16.56
C VAL A 1222 -1.25 -20.42 17.32
N ARG A 1223 -1.88 -21.39 17.96
CA ARG A 1223 -3.05 -21.13 18.79
C ARG A 1223 -2.72 -20.10 19.86
N THR A 1224 -1.49 -20.15 20.38
CA THR A 1224 -1.09 -19.17 21.39
C THR A 1224 -0.92 -17.79 20.80
N LEU A 1225 -1.05 -17.65 19.48
CA LEU A 1225 -0.89 -16.34 18.88
C LEU A 1225 -2.25 -15.77 18.48
N LEU A 1226 -3.19 -16.62 18.12
CA LEU A 1226 -4.56 -16.14 17.91
C LEU A 1226 -5.19 -15.74 19.22
N TRP A 1227 -4.95 -16.53 20.26
CA TRP A 1227 -5.56 -16.29 21.57
C TRP A 1227 -5.04 -15.02 22.19
N THR A 1228 -3.83 -14.61 21.80
CA THR A 1228 -3.32 -13.32 22.19
C THR A 1228 -4.16 -12.20 21.59
N PHE A 1229 -4.68 -12.38 20.39
CA PHE A 1229 -5.38 -11.29 19.73
C PHE A 1229 -6.80 -11.17 20.24
N ILE A 1230 -7.39 -12.30 20.65
CA ILE A 1230 -8.74 -12.28 21.20
C ILE A 1230 -8.70 -11.69 22.60
N LYS A 1231 -7.59 -11.89 23.28
CA LYS A 1231 -7.35 -11.25 24.58
C LYS A 1231 -7.02 -9.76 24.39
N SER A 1232 -6.50 -9.42 23.21
CA SER A 1232 -6.15 -8.05 22.89
C SER A 1232 -7.37 -7.25 22.42
N PHE A 1233 -8.43 -7.94 22.04
CA PHE A 1233 -9.59 -7.25 21.53
C PHE A 1233 -10.29 -6.44 22.62
N GLN A 1234 -9.53 -5.50 23.18
CA GLN A 1234 -10.00 -4.61 24.23
C GLN A 1234 -10.04 -3.15 23.76
N ALA A 1235 -8.87 -2.60 23.43
CA ALA A 1235 -8.81 -1.21 22.99
C ALA A 1235 -9.04 -1.06 21.50
N LEU A 1236 -9.00 -2.16 20.76
CA LEU A 1236 -9.33 -2.14 19.33
C LEU A 1236 -10.76 -1.72 19.00
N PRO A 1237 -11.83 -2.37 19.52
CA PRO A 1237 -13.13 -2.20 18.86
C PRO A 1237 -13.79 -0.87 19.13
N TYR A 1238 -13.28 -0.07 20.04
CA TYR A 1238 -13.76 1.31 20.08
C TYR A 1238 -13.15 2.13 18.97
N VAL A 1239 -11.94 1.77 18.53
CA VAL A 1239 -11.36 2.43 17.36
C VAL A 1239 -12.07 1.97 16.10
N ALA A 1240 -12.52 0.71 16.10
CA ALA A 1240 -13.32 0.22 14.99
C ALA A 1240 -14.68 0.88 14.94
N LEU A 1241 -15.13 1.47 16.05
CA LEU A 1241 -16.40 2.17 16.06
C LEU A 1241 -16.28 3.46 15.27
N LEU A 1242 -15.12 4.08 15.30
CA LEU A 1242 -14.91 5.28 14.49
C LEU A 1242 -14.76 4.94 13.03
N ILE A 1243 -14.30 3.74 12.71
CA ILE A 1243 -14.21 3.33 11.32
C ILE A 1243 -15.60 3.15 10.75
N VAL A 1244 -16.48 2.50 11.50
CA VAL A 1244 -17.85 2.24 11.07
C VAL A 1244 -18.60 3.55 10.93
N MET A 1245 -18.39 4.45 11.88
CA MET A 1245 -18.99 5.78 11.82
C MET A 1245 -18.47 6.55 10.61
N LEU A 1246 -17.17 6.41 10.32
CA LEU A 1246 -16.58 7.09 9.18
C LEU A 1246 -17.21 6.62 7.88
N PHE A 1247 -17.32 5.31 7.70
CA PHE A 1247 -18.00 4.77 6.52
C PHE A 1247 -19.47 5.11 6.53
N PHE A 1248 -20.06 5.32 7.70
CA PHE A 1248 -21.49 5.62 7.71
C PHE A 1248 -21.78 7.05 7.30
N ILE A 1249 -20.94 8.01 7.71
CA ILE A 1249 -21.20 9.41 7.38
C ILE A 1249 -20.90 9.66 5.91
N TYR A 1250 -19.77 9.16 5.43
CA TYR A 1250 -19.39 9.39 4.05
C TYR A 1250 -20.23 8.58 3.07
N ALA A 1251 -20.93 7.55 3.55
CA ALA A 1251 -21.91 6.91 2.68
C ALA A 1251 -23.10 7.84 2.45
N VAL A 1252 -23.63 8.39 3.53
CA VAL A 1252 -24.87 9.15 3.45
C VAL A 1252 -24.65 10.51 2.80
N ILE A 1253 -23.49 11.11 3.00
CA ILE A 1253 -23.20 12.40 2.37
C ILE A 1253 -23.12 12.26 0.86
N GLY A 1254 -22.51 11.17 0.37
CA GLY A 1254 -22.36 11.01 -1.06
C GLY A 1254 -23.59 10.44 -1.73
N MET A 1255 -24.44 9.76 -0.97
CA MET A 1255 -25.57 9.05 -1.56
C MET A 1255 -26.64 10.00 -2.05
N GLN A 1256 -26.90 11.08 -1.33
CA GLN A 1256 -27.83 12.09 -1.84
C GLN A 1256 -27.22 12.87 -2.96
N MET A 1257 -25.90 12.92 -3.01
CA MET A 1257 -25.17 13.89 -3.79
C MET A 1257 -24.65 13.24 -5.07
N PHE A 1258 -24.04 12.08 -4.94
CA PHE A 1258 -23.54 11.36 -6.10
C PHE A 1258 -24.46 10.35 -6.60
N GLY A 1259 -25.73 10.29 -6.23
CA GLY A 1259 -26.72 9.57 -6.99
C GLY A 1259 -27.07 10.32 -8.27
N LYS A 1260 -28.13 9.85 -8.93
CA LYS A 1260 -28.58 10.32 -10.24
C LYS A 1260 -27.43 10.11 -11.23
N ILE A 1261 -26.64 9.05 -11.12
CA ILE A 1261 -25.31 9.08 -11.72
C ILE A 1261 -25.19 8.10 -12.88
N ALA A 1262 -26.31 7.49 -13.28
CA ALA A 1262 -26.45 6.85 -14.59
C ALA A 1262 -25.51 5.70 -14.87
N LEU A 1263 -25.81 4.52 -14.35
CA LEU A 1263 -24.92 3.37 -14.28
C LEU A 1263 -24.59 2.82 -15.66
N VAL A 1264 -23.87 3.61 -16.46
CA VAL A 1264 -23.45 3.14 -17.76
C VAL A 1264 -22.19 2.32 -17.57
N ASP A 1265 -22.16 1.13 -18.15
CA ASP A 1265 -21.03 0.25 -17.98
C ASP A 1265 -19.87 0.70 -18.85
N GLY A 1266 -18.66 0.50 -18.34
CA GLY A 1266 -17.49 0.92 -19.06
C GLY A 1266 -16.95 2.21 -18.50
N THR A 1267 -17.71 2.88 -17.63
CA THR A 1267 -17.40 4.25 -17.23
C THR A 1267 -17.09 4.35 -15.74
N GLN A 1268 -16.81 3.18 -15.13
CA GLN A 1268 -16.22 3.03 -13.80
C GLN A 1268 -17.17 3.42 -12.66
N ILE A 1269 -18.31 4.03 -12.97
CA ILE A 1269 -19.47 3.88 -12.11
C ILE A 1269 -20.49 3.02 -12.84
N ASN A 1270 -20.57 1.75 -12.46
CA ASN A 1270 -21.29 0.76 -13.24
C ASN A 1270 -22.11 -0.07 -12.29
N ARG A 1271 -22.62 -1.20 -12.79
CA ARG A 1271 -23.67 -1.90 -12.05
C ARG A 1271 -23.09 -2.62 -10.86
N ASN A 1272 -21.81 -2.91 -10.86
CA ASN A 1272 -21.15 -3.44 -9.69
C ASN A 1272 -20.72 -2.36 -8.73
N ASN A 1273 -20.54 -1.15 -9.23
CA ASN A 1273 -19.90 -0.14 -8.40
C ASN A 1273 -20.80 1.08 -8.20
N ASN A 1274 -22.05 0.86 -7.85
CA ASN A 1274 -23.03 1.93 -7.78
C ASN A 1274 -22.67 2.89 -6.68
N PHE A 1275 -23.25 4.07 -6.77
CA PHE A 1275 -23.24 4.94 -5.62
C PHE A 1275 -24.61 4.97 -4.97
N GLN A 1276 -25.61 4.40 -5.65
CA GLN A 1276 -27.01 4.57 -5.31
C GLN A 1276 -27.42 4.03 -3.96
N THR A 1277 -27.42 2.74 -3.74
CA THR A 1277 -28.02 2.27 -2.50
C THR A 1277 -27.05 2.44 -1.35
N PHE A 1278 -27.50 2.11 -0.16
CA PHE A 1278 -26.58 2.23 0.98
C PHE A 1278 -25.50 1.16 1.02
N PRO A 1279 -25.74 -0.14 0.82
CA PRO A 1279 -24.61 -1.06 0.89
C PRO A 1279 -23.77 -1.08 -0.36
N GLN A 1280 -24.27 -0.57 -1.49
CA GLN A 1280 -23.38 -0.32 -2.61
C GLN A 1280 -22.50 0.88 -2.41
N ALA A 1281 -22.92 1.83 -1.57
CA ALA A 1281 -22.06 2.95 -1.28
C ALA A 1281 -21.13 2.67 -0.12
N VAL A 1282 -21.38 1.62 0.65
CA VAL A 1282 -20.39 1.24 1.63
C VAL A 1282 -19.25 0.51 0.95
N LEU A 1283 -19.55 -0.28 -0.06
CA LEU A 1283 -18.50 -1.08 -0.68
C LEU A 1283 -17.60 -0.24 -1.56
N LEU A 1284 -18.18 0.79 -2.18
CA LEU A 1284 -17.40 1.73 -2.98
C LEU A 1284 -16.38 2.42 -2.11
N LEU A 1285 -16.76 2.77 -0.88
CA LEU A 1285 -15.84 3.39 0.05
C LEU A 1285 -14.86 2.39 0.61
N PHE A 1286 -15.22 1.12 0.64
CA PHE A 1286 -14.23 0.16 1.04
C PHE A 1286 -13.26 -0.10 -0.10
N ARG A 1287 -13.64 0.26 -1.32
CA ARG A 1287 -12.71 0.25 -2.44
C ARG A 1287 -11.70 1.39 -2.30
N CYS A 1288 -12.16 2.57 -1.92
CA CYS A 1288 -11.25 3.70 -1.77
C CYS A 1288 -10.44 3.61 -0.48
N ALA A 1289 -10.86 2.77 0.46
CA ALA A 1289 -10.11 2.66 1.70
C ALA A 1289 -8.90 1.75 1.55
N THR A 1290 -9.01 0.71 0.74
CA THR A 1290 -7.85 -0.06 0.32
C THR A 1290 -7.29 0.41 -1.00
N GLY A 1291 -7.47 1.68 -1.35
CA GLY A 1291 -6.74 2.33 -2.42
C GLY A 1291 -6.99 1.82 -3.81
N GLU A 1292 -7.95 0.92 -3.96
CA GLU A 1292 -8.24 0.27 -5.23
C GLU A 1292 -8.72 1.22 -6.31
N ALA A 1293 -7.78 1.91 -6.94
CA ALA A 1293 -8.08 2.79 -8.08
C ALA A 1293 -9.16 3.82 -7.76
N TRP A 1294 -8.99 4.53 -6.64
CA TRP A 1294 -9.94 5.56 -6.26
C TRP A 1294 -9.88 6.80 -7.13
N GLN A 1295 -8.85 6.90 -7.97
CA GLN A 1295 -8.60 8.09 -8.76
C GLN A 1295 -9.57 8.21 -9.93
N GLU A 1296 -10.17 7.08 -10.31
CA GLU A 1296 -11.14 7.06 -11.40
C GLU A 1296 -12.51 7.49 -10.89
N ILE A 1297 -12.91 6.94 -9.75
CA ILE A 1297 -14.19 7.30 -9.14
C ILE A 1297 -14.30 8.81 -8.98
N LEU A 1298 -13.17 9.44 -8.71
CA LEU A 1298 -13.12 10.89 -8.56
C LEU A 1298 -13.42 11.56 -9.89
N LEU A 1299 -12.96 10.95 -10.98
CA LEU A 1299 -13.18 11.47 -12.32
C LEU A 1299 -14.54 11.04 -12.85
N ALA A 1300 -15.21 10.14 -12.15
CA ALA A 1300 -16.51 9.66 -12.58
C ALA A 1300 -17.57 10.63 -12.08
N CYS A 1301 -17.27 11.26 -10.95
CA CYS A 1301 -18.08 12.33 -10.39
C CYS A 1301 -17.42 13.61 -10.87
N SER A 1302 -18.19 14.46 -11.53
CA SER A 1302 -17.60 15.54 -12.32
C SER A 1302 -18.64 16.62 -12.54
N TYR A 1303 -18.75 17.13 -13.75
CA TYR A 1303 -19.87 18.00 -13.99
C TYR A 1303 -20.65 17.55 -15.19
N GLY A 1304 -20.11 16.63 -15.97
CA GLY A 1304 -20.83 16.28 -17.17
C GLY A 1304 -21.17 14.81 -17.33
N LYS A 1305 -21.71 14.18 -16.30
CA LYS A 1305 -22.14 12.80 -16.39
C LYS A 1305 -23.64 12.75 -16.65
N LEU A 1306 -24.14 11.62 -17.15
CA LEU A 1306 -25.56 11.50 -17.40
C LEU A 1306 -26.35 11.35 -16.12
N CYS A 1307 -27.68 11.37 -16.23
CA CYS A 1307 -28.50 11.52 -15.05
C CYS A 1307 -29.60 10.45 -14.93
N ASP A 1308 -29.32 9.22 -15.33
CA ASP A 1308 -30.02 8.00 -14.92
C ASP A 1308 -31.52 8.03 -15.19
N PRO A 1309 -32.01 7.73 -16.41
CA PRO A 1309 -33.38 8.10 -16.80
C PRO A 1309 -34.50 7.44 -16.01
N GLU A 1310 -34.48 7.71 -14.70
CA GLU A 1310 -35.52 7.33 -13.78
C GLU A 1310 -35.79 8.55 -12.91
N SER A 1311 -34.84 9.48 -12.95
CA SER A 1311 -34.97 10.76 -12.23
C SER A 1311 -35.84 11.71 -13.02
N ASP A 1312 -35.83 13.00 -12.68
CA ASP A 1312 -36.78 13.90 -13.36
C ASP A 1312 -36.20 14.58 -14.60
N TYR A 1313 -35.34 15.57 -14.40
CA TYR A 1313 -34.54 16.33 -15.37
C TYR A 1313 -35.21 16.71 -16.69
N ALA A 1314 -36.55 16.84 -16.72
CA ALA A 1314 -37.38 16.45 -17.88
C ALA A 1314 -37.02 17.08 -19.23
N PRO A 1315 -36.73 18.40 -19.36
CA PRO A 1315 -36.14 18.81 -20.64
C PRO A 1315 -34.63 18.92 -20.58
N GLY A 1316 -33.94 18.53 -21.66
CA GLY A 1316 -32.61 19.04 -21.93
C GLY A 1316 -31.47 18.60 -21.03
N GLU A 1317 -31.62 18.87 -19.74
CA GLU A 1317 -30.56 18.73 -18.75
C GLU A 1317 -30.29 17.26 -18.50
N GLU A 1318 -29.51 16.66 -19.40
CA GLU A 1318 -29.37 15.22 -19.49
C GLU A 1318 -27.92 14.84 -19.19
N TYR A 1319 -27.07 15.86 -19.22
CA TYR A 1319 -25.67 15.70 -18.92
C TYR A 1319 -25.27 16.77 -17.92
N THR A 1320 -26.02 16.85 -16.82
CA THR A 1320 -25.66 17.77 -15.75
C THR A 1320 -26.01 17.17 -14.38
N CYS A 1321 -25.59 15.95 -14.13
CA CYS A 1321 -25.68 15.40 -12.79
C CYS A 1321 -24.32 14.84 -12.42
N GLY A 1322 -23.42 15.72 -12.02
CA GLY A 1322 -22.15 15.23 -11.52
C GLY A 1322 -21.64 15.79 -10.22
N THR A 1323 -21.95 17.06 -9.88
CA THR A 1323 -21.49 17.79 -8.70
C THR A 1323 -20.01 17.72 -8.31
N ASN A 1324 -19.15 18.61 -8.85
CA ASN A 1324 -17.73 18.67 -8.46
C ASN A 1324 -17.48 19.09 -7.02
N PHE A 1325 -18.10 18.39 -6.07
CA PHE A 1325 -17.70 18.35 -4.69
C PHE A 1325 -16.77 17.18 -4.47
N ALA A 1326 -16.61 16.34 -5.50
CA ALA A 1326 -15.88 15.10 -5.41
C ALA A 1326 -14.41 15.31 -5.11
N TYR A 1327 -13.81 16.37 -5.65
CA TYR A 1327 -12.44 16.70 -5.31
C TYR A 1327 -12.31 17.05 -3.83
N TYR A 1328 -13.33 17.69 -3.28
CA TYR A 1328 -13.34 17.96 -1.84
C TYR A 1328 -13.71 16.73 -1.06
N TYR A 1329 -14.13 15.66 -1.72
CA TYR A 1329 -14.80 14.59 -1.01
C TYR A 1329 -13.92 13.36 -0.90
N PHE A 1330 -13.49 12.82 -2.04
CA PHE A 1330 -12.61 11.66 -2.04
C PHE A 1330 -11.27 11.98 -1.42
N ILE A 1331 -10.81 13.21 -1.58
CA ILE A 1331 -9.56 13.61 -0.93
C ILE A 1331 -9.77 13.72 0.57
N SER A 1332 -10.88 14.31 0.98
CA SER A 1332 -11.14 14.46 2.40
C SER A 1332 -11.58 13.15 3.02
N PHE A 1333 -12.04 12.21 2.21
CA PHE A 1333 -12.19 10.86 2.75
C PHE A 1333 -10.86 10.17 2.85
N TYR A 1334 -9.94 10.47 1.93
CA TYR A 1334 -8.73 9.67 1.89
C TYR A 1334 -7.78 10.00 3.01
N MET A 1335 -7.67 11.27 3.40
CA MET A 1335 -6.84 11.59 4.54
C MET A 1335 -7.49 11.15 5.84
N LEU A 1336 -8.82 11.23 5.93
CA LEU A 1336 -9.49 10.80 7.16
C LEU A 1336 -9.61 9.29 7.24
N CYS A 1337 -9.21 8.59 6.19
CA CYS A 1337 -9.12 7.14 6.27
C CYS A 1337 -7.69 6.80 6.59
N ALA A 1338 -6.75 7.59 6.07
CA ALA A 1338 -5.34 7.32 6.33
C ALA A 1338 -4.99 7.62 7.78
N PHE A 1339 -5.48 8.73 8.30
CA PHE A 1339 -5.20 9.12 9.67
C PHE A 1339 -5.83 8.16 10.68
N LEU A 1340 -6.98 7.61 10.35
CA LEU A 1340 -7.70 6.80 11.30
C LEU A 1340 -7.26 5.34 11.23
N ILE A 1341 -6.71 4.91 10.09
CA ILE A 1341 -6.12 3.59 10.01
C ILE A 1341 -4.79 3.55 10.76
N ILE A 1342 -4.10 4.69 10.84
CA ILE A 1342 -2.99 4.82 11.76
C ILE A 1342 -3.43 4.60 13.20
N ASN A 1343 -4.67 4.97 13.54
CA ASN A 1343 -5.14 4.67 14.89
C ASN A 1343 -5.48 3.20 15.05
N LEU A 1344 -5.68 2.48 13.95
CA LEU A 1344 -5.71 1.02 14.08
C LEU A 1344 -4.32 0.48 14.29
N PHE A 1345 -3.33 1.14 13.71
CA PHE A 1345 -1.94 0.73 13.87
C PHE A 1345 -1.46 0.97 15.30
N VAL A 1346 -1.91 2.07 15.89
CA VAL A 1346 -1.54 2.42 17.26
C VAL A 1346 -2.26 1.53 18.27
N ALA A 1347 -3.53 1.21 18.01
CA ALA A 1347 -4.32 0.47 18.98
C ALA A 1347 -3.89 -0.99 19.07
N VAL A 1348 -3.10 -1.46 18.13
CA VAL A 1348 -2.63 -2.84 18.17
C VAL A 1348 -1.32 -2.92 18.94
N ILE A 1349 -0.56 -1.83 18.96
CA ILE A 1349 0.52 -1.68 19.93
C ILE A 1349 -0.03 -1.72 21.35
N MET A 1350 -1.20 -1.11 21.56
CA MET A 1350 -1.79 -0.91 22.87
C MET A 1350 -1.99 -2.18 23.69
N ASP A 1351 -2.75 -3.12 23.18
CA ASP A 1351 -3.00 -4.25 24.05
C ASP A 1351 -2.11 -5.39 23.81
N ASN A 1352 -1.44 -5.49 22.68
CA ASN A 1352 -0.51 -6.58 22.43
C ASN A 1352 0.88 -6.31 22.99
N PHE A 1353 1.01 -5.29 23.84
CA PHE A 1353 2.31 -4.78 24.23
C PHE A 1353 3.07 -5.79 25.08
N ASP A 1354 2.34 -6.59 25.85
CA ASP A 1354 2.96 -7.66 26.60
C ASP A 1354 3.45 -8.76 25.68
N TYR A 1355 2.78 -8.97 24.57
CA TYR A 1355 3.26 -9.96 23.63
C TYR A 1355 4.37 -9.41 22.74
N LEU A 1356 4.37 -8.11 22.45
CA LEU A 1356 5.37 -7.59 21.52
C LEU A 1356 6.66 -7.22 22.24
N THR A 1357 6.64 -7.22 23.56
CA THR A 1357 7.86 -7.02 24.33
C THR A 1357 8.23 -8.29 25.10
#